data_3I6S
#
_entry.id   3I6S
#
_cell.length_a   143.890
_cell.length_b   143.890
_cell.length_c   195.140
_cell.angle_alpha   90.00
_cell.angle_beta   90.00
_cell.angle_gamma   90.00
#
_symmetry.space_group_name_H-M   'P 43 21 2'
#
loop_
_entity.id
_entity.type
_entity.pdbx_description
1 polymer 'Subtilisin-like protease'
2 branched 2-acetamido-2-deoxy-beta-D-glucopyranose-(1-4)-2-acetamido-2-deoxy-beta-D-glucopyranose
3 branched alpha-L-fucopyranose-(1-3)-[2-acetamido-2-deoxy-beta-D-glucopyranose-(1-4)]2-acetamido-2-deoxy-beta-D-glucopyranose
4 branched alpha-L-fucopyranose-(1-3)-2-acetamido-2-deoxy-beta-D-glucopyranose
5 water water
#
_entity_poly.entity_id   1
_entity_poly.type   'polypeptide(L)'
_entity_poly.pdbx_seq_one_letter_code
;TTHTSDFLKLNPSSGLWPASGLGQDVIVAVLDSGIWPESASFQDDGMPEIPKRWKGICKPGTQFNASMCNRKLIGANYFN
KGILANDPTVNITMNSARDTDGHGTHCASITAGNFAKGVSHFGYAPGTARGVAPRARLAVYKFSFNEGTFTSDLIAAMDQ
AVADGVDMISISYGYRFIPLYEDAISIASFGAMMKGVLVSASAGNRGPGIGSLNNGSPWILCVASGHTDRTFAGTLTLGN
GLKIRGWSLFPARAFVRDSPVIYNKTLSDCSSEELLSQVENPENTIVICDDNGDFSDQMRIITRARLKAAIFISEDPGVF
RSATFPNPGVVVNKKEGKQVINYVKNSVTPTATITFQETYLDTKPAPVVAASSARGPSRSYLGISKPDILAPGVLILAAY
PPNVFATSIGTNILLSTDYILESGTSMAAPHAAGIAAMLKAAHPEWSPSAIRSAMMTTADPLDNTRKPIKDSDNNKAATP
LDMGAGHVDPNRALDPGLVYDATPQDYVNLLCSLNFTEEQFKTIARSSASHNCSNPSADLNYPSFIALYSIEGNFTLLEQ
KFKRTVTNVGKGAATYKAKLKAPKNSTISVSPQILVFKNKNEKQSYTLTIRYIGDEGQSRNVGSITWVEQNGNHSVRSPI
VTSPIIEVW
;
_entity_poly.pdbx_strand_id   A,B
#
# COMPACT_ATOMS: atom_id res chain seq x y z
N THR A 1 12.50 11.03 2.54
CA THR A 1 12.90 11.38 3.93
C THR A 1 12.53 10.27 4.90
N THR A 2 12.34 9.08 4.36
CA THR A 2 12.16 7.90 5.21
C THR A 2 13.51 7.31 5.56
N HIS A 3 14.56 7.84 4.94
CA HIS A 3 15.92 7.34 5.16
C HIS A 3 16.91 8.50 5.31
N THR A 4 16.61 9.59 4.62
CA THR A 4 17.51 10.72 4.46
C THR A 4 18.20 11.25 5.73
N SER A 5 17.45 11.35 6.83
CA SER A 5 18.07 11.83 8.06
C SER A 5 19.01 10.80 8.65
N ASP A 6 18.73 9.52 8.39
CA ASP A 6 19.63 8.43 8.78
C ASP A 6 20.90 8.52 7.95
N PHE A 7 20.74 8.81 6.68
CA PHE A 7 21.87 8.94 5.77
C PHE A 7 22.78 10.07 6.24
N LEU A 8 22.20 11.05 6.92
CA LEU A 8 22.97 12.20 7.41
C LEU A 8 23.49 11.96 8.82
N LYS A 9 23.14 10.80 9.39
CA LYS A 9 23.60 10.41 10.71
C LYS A 9 22.84 11.07 11.84
N LEU A 10 21.81 11.84 11.51
CA LEU A 10 21.02 12.52 12.53
C LEU A 10 20.29 11.51 13.40
N ASN A 11 20.20 11.78 14.69
CA ASN A 11 19.56 10.87 15.64
C ASN A 11 19.25 11.55 16.97
N PRO A 12 18.35 10.95 17.75
CA PRO A 12 17.89 11.52 19.02
C PRO A 12 18.92 11.40 20.14
N SER A 13 19.84 10.44 20.03
CA SER A 13 20.83 10.21 21.08
C SER A 13 21.79 11.38 21.21
N SER A 14 22.49 11.69 20.12
CA SER A 14 23.58 12.65 20.13
C SER A 14 23.65 13.40 18.81
N GLY A 15 24.50 14.44 18.77
CA GLY A 15 24.66 15.25 17.57
C GLY A 15 23.73 16.45 17.52
N LEU A 16 23.35 16.84 16.31
CA LEU A 16 22.59 18.07 16.07
C LEU A 16 21.18 18.02 16.64
N TRP A 17 20.50 16.89 16.47
CA TRP A 17 19.10 16.75 16.88
C TRP A 17 18.90 17.09 18.35
N PRO A 18 19.50 16.28 19.25
CA PRO A 18 19.36 16.56 20.68
C PRO A 18 19.83 17.97 21.02
N ALA A 19 21.02 18.33 20.55
CA ALA A 19 21.57 19.67 20.77
C ALA A 19 20.59 20.77 20.37
N SER A 20 19.76 20.50 19.37
CA SER A 20 18.89 21.53 18.81
C SER A 20 17.42 21.32 19.15
N GLY A 21 17.12 20.22 19.83
CA GLY A 21 15.73 19.84 20.10
C GLY A 21 14.97 19.64 18.80
N LEU A 22 15.68 19.11 17.80
CA LEU A 22 15.10 18.88 16.49
C LEU A 22 14.53 20.18 15.91
N GLY A 23 15.03 21.32 16.38
CA GLY A 23 14.68 22.62 15.82
C GLY A 23 13.37 23.23 16.30
N GLN A 24 12.81 22.66 17.36
CA GLN A 24 11.51 23.09 17.85
C GLN A 24 11.39 24.60 18.09
N ASP A 25 12.48 25.22 18.50
CA ASP A 25 12.44 26.64 18.84
C ASP A 25 12.89 27.54 17.70
N VAL A 26 13.02 26.98 16.51
CA VAL A 26 13.46 27.77 15.37
C VAL A 26 12.38 27.78 14.28
N ILE A 27 12.50 28.72 13.35
CA ILE A 27 11.49 28.90 12.31
C ILE A 27 12.10 29.00 10.92
N VAL A 28 11.65 28.15 10.01
CA VAL A 28 12.16 28.18 8.65
C VAL A 28 11.04 28.49 7.67
N ALA A 29 11.28 29.46 6.80
CA ALA A 29 10.26 29.89 5.85
C ALA A 29 10.48 29.21 4.51
N VAL A 30 9.39 28.78 3.88
CA VAL A 30 9.48 28.16 2.56
C VAL A 30 8.78 29.02 1.51
N LEU A 31 9.57 29.60 0.62
CA LEU A 31 9.03 30.42 -0.45
C LEU A 31 8.56 29.51 -1.57
N ASP A 32 7.23 29.44 -1.70
CA ASP A 32 6.56 28.25 -2.18
C ASP A 32 5.56 28.47 -3.32
N SER A 33 5.07 27.34 -3.82
CA SER A 33 3.80 27.30 -4.51
C SER A 33 2.76 27.00 -3.44
N GLY A 34 3.16 27.20 -2.19
CA GLY A 34 2.23 27.03 -1.08
C GLY A 34 2.36 25.67 -0.44
N ILE A 35 1.27 25.20 0.16
CA ILE A 35 1.33 23.99 0.94
C ILE A 35 -0.03 23.29 0.99
N TRP A 36 -0.01 21.98 1.19
CA TRP A 36 -1.23 21.22 1.47
C TRP A 36 -1.25 20.92 2.97
N PRO A 37 -1.94 21.76 3.73
CA PRO A 37 -1.86 21.76 5.20
C PRO A 37 -2.29 20.45 5.89
N GLU A 38 -3.31 19.77 5.36
CA GLU A 38 -3.85 18.60 6.05
C GLU A 38 -2.99 17.34 5.93
N SER A 39 -1.80 17.47 5.34
CA SER A 39 -0.87 16.36 5.27
C SER A 39 -0.34 15.97 6.65
N ALA A 40 -0.08 14.68 6.83
CA ALA A 40 0.45 14.17 8.09
C ALA A 40 1.78 14.84 8.46
N SER A 41 2.56 15.19 7.46
CA SER A 41 3.85 15.85 7.68
C SER A 41 3.68 17.20 8.38
N PHE A 42 2.48 17.75 8.32
CA PHE A 42 2.27 19.10 8.84
C PHE A 42 1.35 19.14 10.05
N GLN A 43 1.17 18.00 10.69
CA GLN A 43 0.43 17.92 11.94
C GLN A 43 1.42 18.17 13.07
N ASP A 44 0.92 18.41 14.27
CA ASP A 44 1.78 18.86 15.37
C ASP A 44 1.73 17.97 16.60
N ASP A 45 1.99 16.68 16.42
CA ASP A 45 1.84 15.71 17.51
C ASP A 45 2.82 15.88 18.68
N GLY A 46 4.08 16.14 18.39
CA GLY A 46 5.07 16.28 19.46
C GLY A 46 5.51 17.72 19.70
N MET A 47 4.72 18.66 19.20
CA MET A 47 5.13 20.07 19.17
C MET A 47 4.79 20.84 20.44
N PRO A 48 5.81 21.44 21.08
CA PRO A 48 5.56 22.35 22.18
C PRO A 48 4.92 23.63 21.67
N GLU A 49 4.49 24.49 22.59
CA GLU A 49 3.83 25.74 22.24
C GLU A 49 4.67 26.58 21.27
N ILE A 50 3.99 27.42 20.50
CA ILE A 50 4.65 28.32 19.57
C ILE A 50 5.39 29.42 20.34
N PRO A 51 6.66 29.66 19.99
CA PRO A 51 7.45 30.70 20.64
C PRO A 51 6.79 32.07 20.54
N LYS A 52 6.75 32.80 21.65
CA LYS A 52 6.10 34.12 21.69
C LYS A 52 6.64 35.07 20.62
N ARG A 53 7.95 35.04 20.42
CA ARG A 53 8.57 35.89 19.39
C ARG A 53 7.72 35.99 18.13
N TRP A 54 7.09 34.89 17.73
CA TRP A 54 6.39 34.81 16.45
C TRP A 54 5.02 35.49 16.45
N LYS A 55 4.77 36.30 15.42
CA LYS A 55 3.50 37.01 15.29
C LYS A 55 2.95 36.95 13.87
N GLY A 56 3.44 36.00 13.10
CA GLY A 56 3.02 35.82 11.72
C GLY A 56 1.56 35.42 11.63
N ILE A 57 0.93 35.74 10.50
CA ILE A 57 -0.48 35.49 10.33
C ILE A 57 -0.77 34.20 9.57
N CYS A 58 -2.00 33.72 9.72
CA CYS A 58 -2.53 32.64 8.91
C CYS A 58 -3.54 33.28 7.97
N LYS A 59 -3.05 33.83 6.87
CA LYS A 59 -3.89 34.61 5.98
C LYS A 59 -4.93 33.77 5.24
N PRO A 60 -6.21 34.11 5.42
CA PRO A 60 -7.31 33.38 4.78
C PRO A 60 -7.29 33.54 3.27
N GLY A 61 -7.98 32.64 2.57
CA GLY A 61 -8.08 32.68 1.12
C GLY A 61 -8.93 31.52 0.64
N THR A 62 -8.89 31.24 -0.67
CA THR A 62 -9.62 30.11 -1.22
C THR A 62 -9.33 28.82 -0.45
N GLN A 63 -10.38 28.12 -0.06
CA GLN A 63 -10.24 26.82 0.60
C GLN A 63 -9.18 26.83 1.69
N PHE A 64 -8.97 27.97 2.33
CA PHE A 64 -7.98 28.09 3.36
C PHE A 64 -8.44 29.13 4.36
N ASN A 65 -8.64 28.76 5.54
CA ASN A 65 -9.07 29.71 6.56
C ASN A 65 -8.11 29.83 7.76
N ALA A 66 -8.37 30.82 8.60
CA ALA A 66 -7.41 31.24 9.62
C ALA A 66 -7.18 30.21 10.72
N SER A 67 -7.86 29.08 10.66
CA SER A 67 -7.66 28.02 11.64
C SER A 67 -6.79 26.92 11.03
N MET A 68 -6.35 27.15 9.80
CA MET A 68 -5.58 26.17 9.06
C MET A 68 -4.16 25.98 9.60
N CYS A 69 -3.77 26.84 10.53
CA CYS A 69 -2.42 26.79 11.10
C CYS A 69 -2.39 25.99 12.40
N ASN A 70 -1.19 25.64 12.84
CA ASN A 70 -1.02 24.94 14.11
C ASN A 70 0.39 25.10 14.67
N ARG A 71 0.73 24.33 15.69
CA ARG A 71 2.03 24.47 16.35
C ARG A 71 3.18 24.02 15.47
N LYS A 72 2.85 23.47 14.31
CA LYS A 72 3.85 23.01 13.33
C LYS A 72 3.86 23.96 12.14
N LEU A 73 2.74 24.01 11.45
CA LEU A 73 2.54 24.97 10.38
C LEU A 73 2.04 26.26 11.02
N ILE A 74 2.96 27.09 11.51
CA ILE A 74 2.59 28.24 12.32
C ILE A 74 2.24 29.49 11.52
N GLY A 75 2.67 29.54 10.27
CA GLY A 75 2.36 30.71 9.45
C GLY A 75 2.04 30.35 8.02
N ALA A 76 1.14 31.12 7.41
CA ALA A 76 0.81 30.94 6.00
C ALA A 76 0.41 32.26 5.37
N ASN A 77 1.09 32.61 4.29
CA ASN A 77 0.87 33.89 3.62
C ASN A 77 1.09 33.70 2.13
N TYR A 78 0.39 34.49 1.32
CA TYR A 78 0.55 34.39 -0.13
C TYR A 78 0.60 35.76 -0.79
N PHE A 79 1.21 35.81 -1.96
CA PHE A 79 1.53 37.08 -2.60
C PHE A 79 1.22 37.04 -4.09
N ASN A 80 0.13 37.69 -4.48
CA ASN A 80 -0.38 37.55 -5.84
C ASN A 80 -0.53 38.87 -6.58
N LYS A 81 -0.10 39.96 -5.96
CA LYS A 81 -0.25 41.28 -6.56
C LYS A 81 0.45 41.41 -7.90
N GLY A 82 1.60 40.77 -8.03
CA GLY A 82 2.31 40.77 -9.31
C GLY A 82 1.42 40.22 -10.41
N ILE A 83 0.66 39.18 -10.10
CA ILE A 83 -0.20 38.55 -11.09
C ILE A 83 -1.33 39.48 -11.48
N LEU A 84 -2.00 40.03 -10.47
CA LEU A 84 -3.14 40.90 -10.70
C LEU A 84 -2.73 42.17 -11.46
N ALA A 85 -1.74 42.89 -10.93
CA ALA A 85 -1.19 44.06 -11.61
C ALA A 85 -0.90 43.73 -13.07
N ASN A 86 -0.28 42.58 -13.31
CA ASN A 86 0.01 42.18 -14.68
C ASN A 86 -1.27 42.06 -15.50
N ASP A 87 -2.34 41.63 -14.86
CA ASP A 87 -3.61 41.46 -15.55
C ASP A 87 -4.77 41.26 -14.59
N PRO A 88 -5.49 42.34 -14.28
CA PRO A 88 -6.55 42.27 -13.29
C PRO A 88 -7.70 41.39 -13.79
N THR A 89 -7.67 41.07 -15.07
CA THR A 89 -8.70 40.25 -15.70
C THR A 89 -8.62 38.79 -15.30
N VAL A 90 -7.55 38.43 -14.61
CA VAL A 90 -7.32 37.03 -14.28
C VAL A 90 -8.13 36.52 -13.09
N ASN A 91 -8.65 35.31 -13.23
CA ASN A 91 -9.35 34.64 -12.14
C ASN A 91 -8.45 33.61 -11.48
N ILE A 92 -7.87 33.95 -10.34
CA ILE A 92 -6.96 33.04 -9.64
C ILE A 92 -7.72 31.92 -8.93
N THR A 93 -7.66 30.72 -9.48
CA THR A 93 -8.46 29.61 -8.98
C THR A 93 -8.20 29.30 -7.50
N MET A 94 -6.93 29.22 -7.13
CA MET A 94 -6.58 28.95 -5.74
C MET A 94 -5.93 30.18 -5.11
N ASN A 95 -6.76 31.12 -4.69
CA ASN A 95 -6.26 32.38 -4.18
C ASN A 95 -5.89 32.30 -2.71
N SER A 96 -4.89 31.48 -2.39
CA SER A 96 -4.43 31.31 -1.02
C SER A 96 -3.10 30.55 -1.00
N ALA A 97 -2.69 30.14 0.20
CA ALA A 97 -1.42 29.42 0.34
C ALA A 97 -1.55 27.91 0.08
N ARG A 98 -2.75 27.46 -0.26
CA ARG A 98 -2.96 26.04 -0.59
C ARG A 98 -2.19 25.69 -1.87
N ASP A 99 -1.48 24.57 -1.82
CA ASP A 99 -0.62 24.13 -2.91
C ASP A 99 -1.40 23.35 -3.97
N THR A 100 -1.39 23.81 -5.21
CA THR A 100 -2.04 23.07 -6.29
C THR A 100 -1.03 22.51 -7.27
N ASP A 101 0.25 22.59 -6.92
CA ASP A 101 1.32 22.08 -7.79
C ASP A 101 2.02 20.88 -7.14
N GLY A 102 2.42 21.05 -5.88
CA GLY A 102 3.11 19.98 -5.15
C GLY A 102 4.53 20.32 -4.69
N HIS A 103 5.26 21.04 -5.53
CA HIS A 103 6.62 21.45 -5.24
C HIS A 103 6.75 22.02 -3.82
N GLY A 104 5.82 22.90 -3.45
CA GLY A 104 5.88 23.59 -2.17
C GLY A 104 5.64 22.66 -0.99
N THR A 105 4.73 21.71 -1.17
CA THR A 105 4.45 20.74 -0.12
C THR A 105 5.64 19.82 0.07
N HIS A 106 6.21 19.38 -1.05
CA HIS A 106 7.37 18.51 -1.00
C HIS A 106 8.51 19.18 -0.25
N CYS A 107 8.87 20.39 -0.67
CA CYS A 107 9.96 21.12 -0.02
C CYS A 107 9.68 21.34 1.48
N ALA A 108 8.47 21.74 1.81
CA ALA A 108 8.15 22.01 3.20
C ALA A 108 8.37 20.80 4.10
N SER A 109 7.93 19.63 3.65
CA SER A 109 8.04 18.43 4.48
C SER A 109 9.50 17.96 4.59
N ILE A 110 10.25 18.11 3.51
CA ILE A 110 11.66 17.76 3.50
C ILE A 110 12.43 18.57 4.54
N THR A 111 12.06 19.84 4.69
CA THR A 111 12.82 20.69 5.57
C THR A 111 12.38 20.53 7.03
N ALA A 112 11.08 20.39 7.25
CA ALA A 112 10.57 20.34 8.63
C ALA A 112 9.32 19.47 8.78
N GLY A 113 9.19 18.48 7.91
CA GLY A 113 8.10 17.53 8.03
C GLY A 113 8.10 16.85 9.38
N ASN A 114 6.93 16.70 9.98
CA ASN A 114 6.79 15.98 11.23
C ASN A 114 6.80 14.48 10.96
N PHE A 115 7.13 13.68 11.98
CA PHE A 115 7.13 12.24 11.81
C PHE A 115 5.80 11.76 11.26
N ALA A 116 5.85 11.00 10.18
CA ALA A 116 4.65 10.42 9.58
C ALA A 116 4.84 8.93 9.34
N LYS A 117 4.11 8.12 10.11
CA LYS A 117 4.19 6.65 10.07
C LYS A 117 3.64 6.03 8.77
N GLY A 118 4.27 4.94 8.35
CA GLY A 118 3.74 4.06 7.31
C GLY A 118 3.48 4.67 5.95
N VAL A 119 4.39 5.50 5.47
CA VAL A 119 4.23 6.12 4.17
C VAL A 119 5.19 5.50 3.18
N SER A 120 4.94 5.69 1.89
CA SER A 120 5.86 5.23 0.86
C SER A 120 5.51 5.83 -0.50
N HIS A 121 6.35 5.59 -1.49
CA HIS A 121 6.04 5.97 -2.85
C HIS A 121 5.58 4.72 -3.60
N PHE A 122 4.29 4.43 -3.49
CA PHE A 122 3.72 3.23 -4.11
C PHE A 122 4.49 1.98 -3.72
N GLY A 123 4.82 1.88 -2.43
CA GLY A 123 5.53 0.70 -1.93
C GLY A 123 7.04 0.89 -1.82
N TYR A 124 7.58 1.84 -2.58
CA TYR A 124 9.01 2.11 -2.52
C TYR A 124 9.35 3.08 -1.40
N ALA A 125 10.55 2.94 -0.86
CA ALA A 125 11.04 3.83 0.19
C ALA A 125 10.07 3.93 1.37
N PRO A 126 9.52 2.80 1.80
CA PRO A 126 8.55 2.83 2.88
C PRO A 126 9.23 3.17 4.20
N GLY A 127 8.45 3.62 5.18
CA GLY A 127 8.96 3.92 6.51
C GLY A 127 8.25 5.10 7.14
N THR A 128 8.91 5.73 8.09
CA THR A 128 8.43 6.98 8.68
C THR A 128 9.11 8.17 8.01
N ALA A 129 8.32 9.10 7.49
CA ALA A 129 8.87 10.30 6.89
C ALA A 129 9.06 11.37 7.96
N ARG A 130 10.11 12.17 7.80
CA ARG A 130 10.31 13.34 8.65
C ARG A 130 11.27 14.32 8.02
N GLY A 131 11.10 15.60 8.33
CA GLY A 131 11.99 16.62 7.82
C GLY A 131 13.36 16.42 8.42
N VAL A 132 14.37 17.02 7.81
CA VAL A 132 15.72 16.98 8.35
C VAL A 132 15.71 17.58 9.74
N ALA A 133 14.73 18.44 9.99
CA ALA A 133 14.49 19.03 11.32
C ALA A 133 13.03 18.84 11.71
N PRO A 134 12.70 17.66 12.26
CA PRO A 134 11.32 17.22 12.50
C PRO A 134 10.47 18.12 13.41
N ARG A 135 11.08 18.98 14.21
CA ARG A 135 10.30 19.84 15.09
C ARG A 135 10.45 21.33 14.79
N ALA A 136 11.11 21.65 13.69
CA ALA A 136 11.23 23.04 13.26
C ALA A 136 9.84 23.56 12.91
N ARG A 137 9.62 24.86 13.13
CA ARG A 137 8.36 25.50 12.80
C ARG A 137 8.33 25.89 11.33
N LEU A 138 7.16 25.75 10.71
CA LEU A 138 7.00 26.07 9.31
C LEU A 138 6.26 27.39 9.11
N ALA A 139 6.83 28.26 8.29
CA ALA A 139 6.12 29.44 7.82
C ALA A 139 6.08 29.41 6.30
N VAL A 140 4.89 29.29 5.74
CA VAL A 140 4.74 29.19 4.30
C VAL A 140 4.47 30.54 3.65
N TYR A 141 5.20 30.82 2.58
CA TYR A 141 5.01 32.03 1.80
C TYR A 141 4.88 31.65 0.34
N LYS A 142 3.66 31.74 -0.20
CA LYS A 142 3.39 31.30 -1.55
C LYS A 142 3.44 32.46 -2.55
N PHE A 143 4.38 32.38 -3.49
CA PHE A 143 4.49 33.39 -4.54
C PHE A 143 4.30 32.76 -5.91
N SER A 144 4.23 31.44 -5.94
CA SER A 144 4.08 30.69 -7.19
C SER A 144 2.65 30.15 -7.35
N PHE A 145 1.96 30.61 -8.39
CA PHE A 145 0.57 30.22 -8.63
C PHE A 145 0.46 29.56 -10.00
N ASN A 146 -0.52 28.70 -10.16
CA ASN A 146 -0.74 28.10 -11.46
C ASN A 146 -0.85 29.17 -12.55
N GLU A 147 -1.47 30.30 -12.22
CA GLU A 147 -1.70 31.35 -13.20
C GLU A 147 -0.48 32.24 -13.43
N GLY A 148 0.59 32.01 -12.69
CA GLY A 148 1.81 32.78 -12.91
C GLY A 148 2.76 32.85 -11.73
N THR A 149 4.02 33.15 -12.02
CA THR A 149 5.02 33.36 -10.99
C THR A 149 5.70 34.70 -11.30
N PHE A 150 5.69 35.61 -10.33
CA PHE A 150 6.23 36.93 -10.57
C PHE A 150 7.38 37.30 -9.65
N THR A 151 8.50 37.67 -10.27
CA THR A 151 9.67 38.21 -9.58
C THR A 151 9.29 39.06 -8.36
N SER A 152 8.48 40.09 -8.58
CA SER A 152 8.16 41.03 -7.50
C SER A 152 7.42 40.34 -6.37
N ASP A 153 6.59 39.36 -6.72
CA ASP A 153 5.88 38.58 -5.71
C ASP A 153 6.87 37.77 -4.88
N LEU A 154 7.85 37.20 -5.58
CA LEU A 154 8.94 36.49 -4.92
C LEU A 154 9.63 37.38 -3.89
N ILE A 155 10.07 38.55 -4.34
CA ILE A 155 10.72 39.52 -3.45
C ILE A 155 9.81 39.94 -2.29
N ALA A 156 8.54 40.16 -2.58
CA ALA A 156 7.59 40.56 -1.56
C ALA A 156 7.44 39.46 -0.53
N ALA A 157 7.48 38.21 -0.99
CA ALA A 157 7.40 37.08 -0.08
C ALA A 157 8.61 37.00 0.85
N MET A 158 9.81 37.07 0.27
CA MET A 158 11.03 37.05 1.06
C MET A 158 11.06 38.16 2.10
N ASP A 159 10.80 39.39 1.65
CA ASP A 159 10.83 40.55 2.53
C ASP A 159 9.87 40.36 3.69
N GLN A 160 8.68 39.85 3.39
CA GLN A 160 7.69 39.60 4.44
C GLN A 160 8.19 38.55 5.42
N ALA A 161 8.91 37.55 4.91
CA ALA A 161 9.44 36.49 5.75
C ALA A 161 10.52 37.02 6.69
N VAL A 162 11.46 37.78 6.14
CA VAL A 162 12.48 38.43 6.94
C VAL A 162 11.81 39.32 7.99
N ALA A 163 10.85 40.12 7.55
CA ALA A 163 10.12 41.02 8.43
C ALA A 163 9.40 40.26 9.53
N ASP A 164 9.01 39.02 9.25
CA ASP A 164 8.29 38.22 10.22
C ASP A 164 9.20 37.65 11.30
N GLY A 165 10.51 37.77 11.10
CA GLY A 165 11.47 37.28 12.09
C GLY A 165 11.81 35.81 11.94
N VAL A 166 11.71 35.33 10.70
CA VAL A 166 12.09 33.98 10.36
C VAL A 166 13.58 33.73 10.64
N ASP A 167 13.93 32.53 11.10
CA ASP A 167 15.32 32.19 11.39
C ASP A 167 16.08 31.76 10.13
N MET A 168 15.39 31.11 9.20
CA MET A 168 16.02 30.65 7.97
C MET A 168 15.05 30.72 6.81
N ILE A 169 15.58 30.82 5.61
CA ILE A 169 14.74 30.84 4.41
C ILE A 169 15.15 29.75 3.45
N SER A 170 14.16 29.02 2.95
CA SER A 170 14.41 27.99 1.97
C SER A 170 13.68 28.34 0.68
N ILE A 171 14.42 28.41 -0.42
CA ILE A 171 13.80 28.70 -1.70
C ILE A 171 14.41 27.83 -2.80
N SER A 172 13.56 27.02 -3.42
CA SER A 172 13.99 26.12 -4.48
C SER A 172 13.58 26.65 -5.84
N TYR A 173 14.08 27.82 -6.18
CA TYR A 173 13.83 28.45 -7.46
C TYR A 173 15.09 29.15 -7.89
N GLY A 174 15.24 29.35 -9.20
CA GLY A 174 16.40 30.04 -9.71
C GLY A 174 16.19 30.61 -11.10
N TYR A 175 16.80 31.76 -11.35
CA TYR A 175 16.77 32.38 -12.66
C TYR A 175 18.20 32.54 -13.18
N ARG A 176 18.36 32.41 -14.49
CA ARG A 176 19.66 32.52 -15.11
C ARG A 176 19.73 33.65 -16.13
N PHE A 177 20.95 34.02 -16.53
CA PHE A 177 21.16 34.97 -17.61
C PHE A 177 20.94 36.44 -17.22
N ILE A 178 20.99 36.76 -15.94
CA ILE A 178 20.77 38.14 -15.53
C ILE A 178 21.76 38.62 -14.47
N PRO A 179 22.23 39.87 -14.61
CA PRO A 179 23.15 40.51 -13.67
C PRO A 179 22.51 40.70 -12.30
N LEU A 180 23.35 40.72 -11.27
CA LEU A 180 22.87 40.79 -9.89
C LEU A 180 21.73 41.79 -9.67
N TYR A 181 21.81 42.96 -10.29
CA TYR A 181 20.85 44.02 -10.02
C TYR A 181 19.54 43.76 -10.75
N GLU A 182 19.44 42.61 -11.40
CA GLU A 182 18.19 42.18 -12.00
C GLU A 182 17.79 40.81 -11.45
N ASP A 183 18.59 40.31 -10.51
CA ASP A 183 18.39 38.97 -9.95
C ASP A 183 17.53 39.01 -8.70
N ALA A 184 16.25 38.69 -8.86
CA ALA A 184 15.27 38.80 -7.80
C ALA A 184 15.72 38.13 -6.51
N ILE A 185 16.06 36.84 -6.60
CA ILE A 185 16.43 36.07 -5.42
C ILE A 185 17.67 36.65 -4.72
N SER A 186 18.62 37.12 -5.52
CA SER A 186 19.83 37.72 -4.97
C SER A 186 19.52 39.02 -4.22
N ILE A 187 18.76 39.89 -4.88
CA ILE A 187 18.36 41.16 -4.28
C ILE A 187 17.74 40.94 -2.91
N ALA A 188 16.76 40.05 -2.85
CA ALA A 188 16.06 39.76 -1.61
C ALA A 188 16.99 39.09 -0.60
N SER A 189 17.85 38.21 -1.10
CA SER A 189 18.78 37.51 -0.23
C SER A 189 19.72 38.49 0.49
N PHE A 190 20.26 39.44 -0.27
CA PHE A 190 21.09 40.47 0.32
C PHE A 190 20.39 41.10 1.53
N GLY A 191 19.11 41.41 1.36
CA GLY A 191 18.31 41.95 2.45
C GLY A 191 18.23 41.00 3.63
N ALA A 192 17.96 39.72 3.33
CA ALA A 192 17.86 38.71 4.37
C ALA A 192 19.17 38.59 5.13
N MET A 193 20.28 38.52 4.39
CA MET A 193 21.59 38.44 5.02
C MET A 193 21.86 39.65 5.91
N MET A 194 21.54 40.84 5.40
CA MET A 194 21.75 42.06 6.16
C MET A 194 21.07 41.99 7.51
N LYS A 195 20.03 41.19 7.61
CA LYS A 195 19.28 41.11 8.85
C LYS A 195 19.44 39.78 9.58
N GLY A 196 20.52 39.08 9.26
CA GLY A 196 20.91 37.88 10.00
C GLY A 196 20.12 36.62 9.67
N VAL A 197 19.48 36.60 8.50
CA VAL A 197 18.75 35.43 8.05
C VAL A 197 19.46 34.79 6.87
N LEU A 198 19.87 33.53 7.03
CA LEU A 198 20.52 32.81 5.93
C LEU A 198 19.51 32.26 4.95
N VAL A 199 19.86 32.31 3.67
CA VAL A 199 19.00 31.82 2.61
C VAL A 199 19.61 30.61 1.94
N SER A 200 18.88 29.50 1.95
CA SER A 200 19.30 28.31 1.22
C SER A 200 18.58 28.25 -0.10
N ALA A 201 19.33 28.15 -1.19
CA ALA A 201 18.73 28.11 -2.52
C ALA A 201 19.38 27.02 -3.34
N SER A 202 18.61 26.47 -4.28
CA SER A 202 19.11 25.39 -5.11
C SER A 202 20.05 25.94 -6.17
N ALA A 203 21.04 25.15 -6.52
CA ALA A 203 22.02 25.53 -7.53
C ALA A 203 21.47 25.42 -8.94
N GLY A 204 20.33 24.74 -9.09
CA GLY A 204 19.72 24.54 -10.41
C GLY A 204 20.02 23.18 -11.01
N ASN A 205 19.33 22.85 -12.10
CA ASN A 205 19.44 21.52 -12.69
C ASN A 205 19.84 21.53 -14.15
N ARG A 206 20.61 22.53 -14.55
CA ARG A 206 21.08 22.60 -15.93
C ARG A 206 22.54 22.13 -16.06
N GLY A 207 23.01 21.37 -15.07
CA GLY A 207 24.33 20.75 -15.14
C GLY A 207 24.38 19.86 -16.38
N PRO A 208 25.57 19.33 -16.69
CA PRO A 208 26.81 19.48 -15.94
C PRO A 208 27.76 20.50 -16.57
N GLY A 209 27.30 21.23 -17.58
CA GLY A 209 28.14 22.24 -18.22
C GLY A 209 28.65 23.27 -17.23
N ILE A 210 29.83 23.80 -17.53
CA ILE A 210 30.50 24.77 -16.66
C ILE A 210 29.69 26.07 -16.50
N GLY A 211 29.75 26.66 -15.31
CA GLY A 211 29.07 27.92 -15.04
C GLY A 211 27.59 27.87 -15.38
N SER A 212 26.93 26.76 -15.06
CA SER A 212 25.54 26.56 -15.40
C SER A 212 24.61 26.84 -14.22
N LEU A 213 25.16 27.09 -13.05
CA LEU A 213 24.34 27.25 -11.86
C LEU A 213 23.67 28.62 -11.77
N ASN A 214 22.68 28.72 -10.90
CA ASN A 214 22.10 30.00 -10.53
C ASN A 214 22.13 30.14 -9.03
N ASN A 215 21.67 31.27 -8.53
CA ASN A 215 21.73 31.57 -7.10
C ASN A 215 23.17 31.54 -6.56
N GLY A 216 24.14 31.74 -7.45
CA GLY A 216 25.54 31.78 -7.07
C GLY A 216 25.98 33.13 -6.52
N SER A 217 25.35 33.56 -5.42
CA SER A 217 25.66 34.83 -4.82
C SER A 217 26.32 34.66 -3.46
N PRO A 218 27.29 35.53 -3.15
CA PRO A 218 28.09 35.47 -1.93
C PRO A 218 27.24 35.44 -0.67
N TRP A 219 26.05 36.04 -0.74
CA TRP A 219 25.16 36.12 0.43
C TRP A 219 24.07 35.05 0.40
N ILE A 220 24.31 33.98 -0.34
CA ILE A 220 23.37 32.86 -0.41
C ILE A 220 24.09 31.54 -0.15
N LEU A 221 23.41 30.61 0.53
CA LEU A 221 23.91 29.24 0.65
C LEU A 221 23.45 28.45 -0.57
N CYS A 222 24.36 28.23 -1.50
CA CYS A 222 24.04 27.63 -2.79
C CYS A 222 24.24 26.12 -2.74
N VAL A 223 23.14 25.37 -2.86
CA VAL A 223 23.14 23.92 -2.61
C VAL A 223 23.09 23.04 -3.87
N ALA A 224 24.00 22.07 -3.96
CA ALA A 224 24.01 21.11 -5.07
C ALA A 224 23.38 19.78 -4.65
N SER A 225 23.05 18.94 -5.62
CA SER A 225 22.29 17.71 -5.36
C SER A 225 23.10 16.43 -5.49
N GLY A 226 23.06 15.59 -4.47
CA GLY A 226 23.71 14.29 -4.53
C GLY A 226 22.75 13.11 -4.51
N HIS A 227 23.21 11.97 -5.01
CA HIS A 227 22.49 10.72 -4.85
C HIS A 227 22.71 10.26 -3.41
N THR A 228 21.79 9.47 -2.88
CA THR A 228 22.03 8.79 -1.61
C THR A 228 22.46 7.35 -1.88
N ASP A 229 22.42 6.53 -0.83
CA ASP A 229 22.79 5.13 -0.97
C ASP A 229 21.57 4.24 -1.18
N ARG A 230 20.44 4.86 -1.49
CA ARG A 230 19.19 4.12 -1.66
C ARG A 230 19.01 3.72 -3.12
N THR A 231 18.49 2.51 -3.33
CA THR A 231 18.19 2.07 -4.68
C THR A 231 16.86 1.30 -4.69
N PHE A 232 16.25 1.20 -5.87
CA PHE A 232 14.94 0.58 -6.00
C PHE A 232 14.99 -0.56 -6.99
N ALA A 233 14.46 -1.71 -6.58
CA ALA A 233 14.73 -2.93 -7.33
C ALA A 233 13.54 -3.65 -7.94
N GLY A 234 13.75 -4.03 -9.19
CA GLY A 234 13.10 -5.18 -9.77
C GLY A 234 14.21 -6.23 -9.83
N THR A 235 14.24 -7.11 -8.84
CA THR A 235 15.14 -8.24 -8.88
C THR A 235 14.79 -9.09 -10.10
N LEU A 236 15.79 -9.36 -10.94
CA LEU A 236 15.59 -10.15 -12.15
C LEU A 236 16.18 -11.55 -11.99
N THR A 237 15.34 -12.57 -12.09
CA THR A 237 15.81 -13.94 -12.04
C THR A 237 15.53 -14.65 -13.36
N LEU A 238 16.55 -15.24 -13.96
CA LEU A 238 16.36 -15.95 -15.22
C LEU A 238 16.03 -17.42 -14.97
N GLY A 239 15.56 -18.09 -16.02
CA GLY A 239 15.20 -19.50 -15.93
C GLY A 239 16.37 -20.39 -15.55
N ASN A 240 17.59 -19.86 -15.66
CA ASN A 240 18.77 -20.65 -15.34
C ASN A 240 19.31 -20.39 -13.95
N GLY A 241 18.55 -19.66 -13.14
CA GLY A 241 18.94 -19.39 -11.76
C GLY A 241 19.66 -18.07 -11.57
N LEU A 242 20.13 -17.49 -12.66
CA LEU A 242 20.83 -16.20 -12.58
C LEU A 242 19.97 -15.11 -11.96
N LYS A 243 20.50 -14.46 -10.92
CA LYS A 243 19.74 -13.46 -10.17
C LYS A 243 20.44 -12.09 -10.17
N ILE A 244 19.74 -11.09 -10.69
CA ILE A 244 20.29 -9.75 -10.87
C ILE A 244 19.43 -8.68 -10.20
N ARG A 245 20.03 -7.84 -9.38
CA ARG A 245 19.32 -6.73 -8.77
C ARG A 245 19.33 -5.51 -9.69
N GLY A 246 18.39 -5.45 -10.62
CA GLY A 246 18.29 -4.34 -11.55
C GLY A 246 17.53 -3.18 -10.96
N TRP A 247 17.22 -2.18 -11.80
CA TRP A 247 16.51 -0.99 -11.33
C TRP A 247 15.08 -0.96 -11.83
N SER A 248 14.17 -0.56 -10.96
CA SER A 248 12.77 -0.46 -11.33
C SER A 248 12.02 0.43 -10.37
N LEU A 249 11.02 1.15 -10.89
CA LEU A 249 10.14 1.93 -10.04
C LEU A 249 8.68 1.77 -10.43
N PHE A 250 8.37 0.65 -11.09
CA PHE A 250 6.98 0.38 -11.44
C PHE A 250 6.14 0.49 -10.17
N PRO A 251 5.09 1.31 -10.22
CA PRO A 251 4.34 1.69 -9.01
C PRO A 251 3.27 0.69 -8.56
N ALA A 252 3.52 -0.60 -8.70
CA ALA A 252 2.60 -1.61 -8.17
C ALA A 252 3.28 -2.98 -8.12
N ARG A 253 2.71 -3.89 -7.35
CA ARG A 253 3.28 -5.22 -7.20
C ARG A 253 2.98 -6.12 -8.40
N ALA A 254 3.55 -5.79 -9.55
CA ALA A 254 3.34 -6.57 -10.76
C ALA A 254 3.74 -8.02 -10.54
N PHE A 255 3.05 -8.93 -11.23
CA PHE A 255 3.34 -10.34 -11.14
C PHE A 255 3.86 -10.81 -12.48
N VAL A 256 5.18 -10.94 -12.57
CA VAL A 256 5.81 -11.48 -13.75
C VAL A 256 6.75 -12.62 -13.35
N ARG A 257 6.31 -13.85 -13.62
CA ARG A 257 7.00 -15.03 -13.13
C ARG A 257 7.11 -16.05 -14.23
N ASP A 258 8.30 -16.61 -14.40
CA ASP A 258 8.56 -17.62 -15.43
C ASP A 258 7.93 -17.25 -16.78
N SER A 259 8.13 -16.02 -17.23
CA SER A 259 7.62 -15.62 -18.53
C SER A 259 8.68 -15.73 -19.61
N PRO A 260 8.25 -16.04 -20.83
CA PRO A 260 9.11 -16.16 -22.02
C PRO A 260 9.85 -14.86 -22.29
N VAL A 261 11.17 -14.93 -22.46
CA VAL A 261 11.95 -13.76 -22.82
C VAL A 261 12.46 -13.88 -24.25
N ILE A 262 12.39 -12.80 -25.01
CA ILE A 262 12.94 -12.80 -26.37
C ILE A 262 13.95 -11.69 -26.60
N TYR A 263 14.98 -12.01 -27.38
CA TYR A 263 15.96 -11.01 -27.80
C TYR A 263 16.12 -11.06 -29.29
N ASN A 264 15.60 -10.05 -29.98
CA ASN A 264 15.57 -10.04 -31.43
C ASN A 264 16.10 -8.74 -32.03
N LYS A 265 17.35 -8.79 -32.50
CA LYS A 265 18.03 -7.62 -33.03
C LYS A 265 17.17 -6.73 -33.94
N THR A 266 16.22 -7.34 -34.66
CA THR A 266 15.39 -6.57 -35.57
C THR A 266 14.54 -5.55 -34.83
N LEU A 267 14.24 -5.82 -33.57
CA LEU A 267 13.41 -4.93 -32.76
C LEU A 267 14.08 -4.56 -31.44
N SER A 268 15.18 -5.24 -31.14
CA SER A 268 15.94 -5.02 -29.91
C SER A 268 16.18 -3.53 -29.63
N ASP A 269 16.01 -2.70 -30.65
CA ASP A 269 16.18 -1.27 -30.53
C ASP A 269 15.07 -0.67 -29.67
N CYS A 270 13.89 -1.28 -29.77
CA CYS A 270 12.71 -0.79 -29.05
C CYS A 270 12.42 0.66 -29.42
N SER A 271 12.36 0.94 -30.71
CA SER A 271 12.09 2.29 -31.19
C SER A 271 10.97 2.30 -32.23
N SER A 272 10.58 1.12 -32.67
CA SER A 272 9.52 0.98 -33.66
C SER A 272 8.25 0.42 -33.03
N GLU A 273 7.17 1.18 -33.08
CA GLU A 273 5.87 0.71 -32.61
C GLU A 273 5.40 -0.44 -33.47
N GLU A 274 5.55 -0.27 -34.78
CA GLU A 274 5.14 -1.29 -35.74
C GLU A 274 5.86 -2.61 -35.49
N LEU A 275 7.18 -2.55 -35.39
CA LEU A 275 7.96 -3.74 -35.14
C LEU A 275 7.48 -4.45 -33.88
N LEU A 276 7.45 -3.73 -32.77
CA LEU A 276 7.03 -4.32 -31.51
C LEU A 276 5.64 -4.92 -31.61
N SER A 277 4.78 -4.31 -32.43
CA SER A 277 3.42 -4.79 -32.59
C SER A 277 3.41 -6.12 -33.33
N GLN A 278 4.59 -6.59 -33.73
CA GLN A 278 4.70 -7.83 -34.49
C GLN A 278 5.06 -9.03 -33.62
N VAL A 279 5.36 -8.78 -32.35
CA VAL A 279 5.62 -9.88 -31.43
C VAL A 279 4.31 -10.44 -30.92
N GLU A 280 4.07 -11.72 -31.21
CA GLU A 280 2.83 -12.38 -30.82
C GLU A 280 2.75 -12.53 -29.31
N ASN A 281 1.52 -12.65 -28.80
CA ASN A 281 1.32 -12.81 -27.37
C ASN A 281 2.14 -11.80 -26.57
N PRO A 282 2.06 -10.53 -26.97
CA PRO A 282 2.81 -9.46 -26.33
C PRO A 282 2.53 -9.41 -24.83
N GLU A 283 1.34 -9.81 -24.45
CA GLU A 283 0.90 -9.66 -23.06
C GLU A 283 1.53 -10.70 -22.13
N ASN A 284 2.12 -11.74 -22.71
CA ASN A 284 2.79 -12.76 -21.89
C ASN A 284 4.28 -12.89 -22.16
N THR A 285 4.83 -11.96 -22.94
CA THR A 285 6.23 -12.06 -23.30
C THR A 285 7.06 -10.87 -22.84
N ILE A 286 8.32 -11.16 -22.51
CA ILE A 286 9.28 -10.14 -22.10
C ILE A 286 10.27 -9.88 -23.23
N VAL A 287 10.42 -8.62 -23.60
CA VAL A 287 11.34 -8.24 -24.67
C VAL A 287 12.56 -7.53 -24.09
N ILE A 288 13.72 -7.82 -24.65
CA ILE A 288 14.95 -7.15 -24.23
C ILE A 288 15.22 -5.94 -25.12
N CYS A 289 15.59 -4.82 -24.50
CA CYS A 289 15.88 -3.59 -25.22
C CYS A 289 17.36 -3.23 -25.14
N ASP A 290 17.99 -3.09 -26.30
CA ASP A 290 19.40 -2.66 -26.36
C ASP A 290 19.55 -1.22 -25.88
N ASP A 291 20.76 -0.88 -25.44
CA ASP A 291 21.07 0.49 -25.04
C ASP A 291 21.18 1.36 -26.28
N ASN A 292 20.27 2.31 -26.42
CA ASN A 292 20.25 3.20 -27.57
C ASN A 292 20.23 4.66 -27.15
N GLY A 293 20.61 4.93 -25.90
CA GLY A 293 20.74 6.29 -25.42
C GLY A 293 19.43 7.02 -25.15
N ASP A 294 18.30 6.37 -25.40
CA ASP A 294 17.00 7.00 -25.16
C ASP A 294 16.02 6.04 -24.48
N PHE A 295 16.29 5.73 -23.22
CA PHE A 295 15.47 4.83 -22.43
C PHE A 295 14.00 5.24 -22.37
N SER A 296 13.74 6.50 -22.02
CA SER A 296 12.37 6.94 -21.83
C SER A 296 11.53 6.77 -23.09
N ASP A 297 12.17 6.75 -24.25
CA ASP A 297 11.43 6.50 -25.48
C ASP A 297 11.13 5.02 -25.60
N GLN A 298 12.10 4.19 -25.22
CA GLN A 298 11.90 2.76 -25.20
C GLN A 298 10.73 2.42 -24.27
N MET A 299 10.74 2.99 -23.08
CA MET A 299 9.68 2.74 -22.11
C MET A 299 8.33 3.13 -22.68
N ARG A 300 8.30 4.19 -23.47
CA ARG A 300 7.04 4.67 -24.05
C ARG A 300 6.54 3.70 -25.11
N ILE A 301 7.43 3.26 -25.99
CA ILE A 301 7.08 2.29 -27.02
C ILE A 301 6.65 0.97 -26.39
N ILE A 302 7.34 0.57 -25.33
CA ILE A 302 7.00 -0.67 -24.64
C ILE A 302 5.62 -0.56 -23.98
N THR A 303 5.42 0.55 -23.28
CA THR A 303 4.15 0.78 -22.59
C THR A 303 3.01 0.78 -23.60
N ARG A 304 3.20 1.45 -24.72
CA ARG A 304 2.16 1.52 -25.74
C ARG A 304 1.85 0.14 -26.32
N ALA A 305 2.86 -0.71 -26.42
CA ALA A 305 2.70 -2.05 -27.01
C ALA A 305 2.17 -3.09 -26.02
N ARG A 306 2.09 -2.74 -24.74
CA ARG A 306 1.47 -3.60 -23.76
C ARG A 306 2.19 -4.94 -23.57
N LEU A 307 3.52 -4.90 -23.56
CA LEU A 307 4.30 -6.09 -23.25
C LEU A 307 4.16 -6.44 -21.77
N LYS A 308 4.30 -7.73 -21.46
CA LYS A 308 4.32 -8.18 -20.08
C LYS A 308 5.32 -7.33 -19.31
N ALA A 309 6.51 -7.23 -19.88
CA ALA A 309 7.58 -6.45 -19.30
C ALA A 309 8.69 -6.26 -20.33
N ALA A 310 9.71 -5.51 -19.96
CA ALA A 310 10.87 -5.31 -20.80
C ALA A 310 12.12 -5.26 -19.93
N ILE A 311 13.22 -5.81 -20.45
CA ILE A 311 14.50 -5.67 -19.79
C ILE A 311 15.31 -4.63 -20.54
N PHE A 312 15.59 -3.50 -19.90
CA PHE A 312 16.32 -2.42 -20.55
C PHE A 312 17.79 -2.47 -20.18
N ILE A 313 18.65 -2.40 -21.19
CA ILE A 313 20.07 -2.27 -20.95
C ILE A 313 20.44 -0.79 -21.01
N SER A 314 20.90 -0.24 -19.89
CA SER A 314 21.17 1.19 -19.83
C SER A 314 21.93 1.58 -18.56
N GLU A 315 22.85 2.52 -18.71
CA GLU A 315 23.62 3.05 -17.59
C GLU A 315 23.51 4.57 -17.60
N ASP A 316 22.64 5.08 -18.46
CA ASP A 316 22.37 6.51 -18.54
C ASP A 316 21.82 7.05 -17.22
N PRO A 317 22.55 7.99 -16.61
CA PRO A 317 22.17 8.57 -15.33
C PRO A 317 20.76 9.16 -15.32
N GLY A 318 20.26 9.56 -16.50
CA GLY A 318 18.91 10.09 -16.59
C GLY A 318 17.89 9.12 -16.03
N VAL A 319 18.13 7.84 -16.25
CA VAL A 319 17.22 6.78 -15.80
C VAL A 319 17.04 6.74 -14.29
N PHE A 320 18.11 7.04 -13.55
CA PHE A 320 18.11 6.84 -12.11
C PHE A 320 17.70 8.07 -11.32
N ARG A 321 17.13 9.05 -12.03
CA ARG A 321 16.62 10.24 -11.37
C ARG A 321 15.11 10.36 -11.55
N SER A 322 14.54 9.44 -12.32
CA SER A 322 13.13 9.52 -12.69
C SER A 322 12.26 8.46 -12.00
N ALA A 323 11.03 8.83 -11.68
CA ALA A 323 10.06 7.90 -11.10
C ALA A 323 9.05 7.47 -12.16
N THR A 324 9.28 7.84 -13.40
CA THR A 324 8.37 7.50 -14.49
C THR A 324 8.62 6.08 -14.97
N PHE A 325 7.79 5.15 -14.55
CA PHE A 325 7.98 3.74 -14.86
C PHE A 325 6.64 3.05 -15.04
N PRO A 326 5.89 3.45 -16.07
CA PRO A 326 4.48 3.06 -16.28
C PRO A 326 4.26 1.60 -16.69
N ASN A 327 5.33 0.86 -16.94
CA ASN A 327 5.19 -0.53 -17.34
C ASN A 327 6.23 -1.40 -16.65
N PRO A 328 5.82 -2.60 -16.22
CA PRO A 328 6.77 -3.47 -15.55
C PRO A 328 8.01 -3.65 -16.42
N GLY A 329 9.16 -3.71 -15.76
CA GLY A 329 10.42 -3.85 -16.46
C GLY A 329 11.56 -3.63 -15.50
N VAL A 330 12.77 -3.93 -15.96
CA VAL A 330 13.99 -3.72 -15.19
C VAL A 330 15.02 -3.05 -16.07
N VAL A 331 15.91 -2.29 -15.46
CA VAL A 331 17.05 -1.71 -16.17
C VAL A 331 18.29 -2.36 -15.62
N VAL A 332 19.14 -2.84 -16.54
CA VAL A 332 20.38 -3.49 -16.13
C VAL A 332 21.56 -2.81 -16.81
N ASN A 333 22.73 -2.91 -16.20
CA ASN A 333 23.94 -2.32 -16.79
C ASN A 333 24.44 -3.14 -17.99
N LYS A 334 25.53 -2.71 -18.58
CA LYS A 334 26.04 -3.35 -19.81
C LYS A 334 26.50 -4.79 -19.62
N LYS A 335 27.24 -5.04 -18.55
CA LYS A 335 27.73 -6.38 -18.29
C LYS A 335 26.54 -7.33 -18.12
N GLU A 336 25.71 -7.04 -17.11
CA GLU A 336 24.51 -7.80 -16.84
C GLU A 336 23.69 -8.02 -18.11
N GLY A 337 23.61 -6.97 -18.93
CA GLY A 337 22.87 -7.06 -20.19
C GLY A 337 23.44 -8.13 -21.10
N LYS A 338 24.73 -8.40 -20.95
CA LYS A 338 25.36 -9.44 -21.75
C LYS A 338 24.99 -10.83 -21.23
N GLN A 339 25.09 -11.00 -19.92
CA GLN A 339 24.65 -12.23 -19.28
C GLN A 339 23.25 -12.62 -19.73
N VAL A 340 22.32 -11.67 -19.65
CA VAL A 340 20.93 -11.93 -20.02
C VAL A 340 20.80 -12.39 -21.47
N ILE A 341 21.32 -11.58 -22.39
CA ILE A 341 21.25 -11.93 -23.81
C ILE A 341 21.87 -13.30 -24.05
N ASN A 342 22.96 -13.58 -23.37
CA ASN A 342 23.60 -14.88 -23.50
C ASN A 342 22.61 -15.97 -23.16
N TYR A 343 22.14 -15.97 -21.92
CA TYR A 343 21.17 -16.92 -21.46
C TYR A 343 20.10 -17.15 -22.52
N VAL A 344 19.62 -16.08 -23.12
CA VAL A 344 18.52 -16.18 -24.08
C VAL A 344 18.94 -16.89 -25.36
N LYS A 345 20.09 -16.53 -25.91
CA LYS A 345 20.55 -17.12 -27.16
C LYS A 345 20.88 -18.60 -27.00
N ASN A 346 21.36 -18.98 -25.82
CA ASN A 346 21.75 -20.36 -25.58
C ASN A 346 20.62 -21.21 -25.03
N SER A 347 19.38 -20.82 -25.32
CA SER A 347 18.24 -21.53 -24.79
C SER A 347 17.01 -21.47 -25.69
N VAL A 348 16.30 -22.59 -25.75
CA VAL A 348 14.92 -22.58 -26.24
C VAL A 348 14.07 -22.58 -24.97
N THR A 349 13.11 -21.67 -24.89
CA THR A 349 12.30 -21.56 -23.69
C THR A 349 13.04 -20.80 -22.58
N PRO A 350 13.74 -19.72 -22.94
CA PRO A 350 14.30 -18.86 -21.90
C PRO A 350 13.18 -18.12 -21.18
N THR A 351 13.25 -18.05 -19.86
CA THR A 351 12.21 -17.37 -19.10
C THR A 351 12.81 -16.46 -18.04
N ALA A 352 12.00 -15.54 -17.52
CA ALA A 352 12.45 -14.60 -16.51
C ALA A 352 11.37 -14.28 -15.48
N THR A 353 11.80 -13.88 -14.29
CA THR A 353 10.91 -13.44 -13.24
C THR A 353 11.42 -12.11 -12.69
N ILE A 354 10.53 -11.14 -12.54
CA ILE A 354 10.88 -9.84 -11.99
C ILE A 354 9.95 -9.52 -10.84
N THR A 355 10.50 -9.10 -9.70
CA THR A 355 9.67 -8.61 -8.61
C THR A 355 9.89 -7.12 -8.38
N PHE A 356 8.92 -6.45 -7.77
CA PHE A 356 8.94 -5.01 -7.66
C PHE A 356 8.74 -4.52 -6.24
N GLN A 357 8.77 -3.20 -6.08
CA GLN A 357 8.56 -2.58 -4.78
C GLN A 357 9.62 -2.99 -3.75
N GLU A 358 10.84 -3.24 -4.24
CA GLU A 358 11.96 -3.49 -3.34
C GLU A 358 12.83 -2.24 -3.22
N THR A 359 13.29 -1.96 -2.01
CA THR A 359 14.14 -0.81 -1.79
C THR A 359 15.34 -1.12 -0.87
N TYR A 360 16.55 -0.84 -1.38
CA TYR A 360 17.77 -1.20 -0.67
C TYR A 360 18.60 0.03 -0.27
N LEU A 361 19.29 -0.08 0.87
CA LEU A 361 20.09 1.00 1.40
C LEU A 361 21.58 0.62 1.47
N ASP A 362 22.09 -0.01 0.42
CA ASP A 362 23.42 -0.58 0.47
C ASP A 362 24.38 0.04 -0.54
N THR A 363 23.87 0.94 -1.38
CA THR A 363 24.61 1.40 -2.55
C THR A 363 26.00 1.98 -2.26
N LYS A 364 26.97 1.57 -3.06
CA LYS A 364 28.31 2.13 -3.03
C LYS A 364 28.71 2.43 -4.47
N PRO A 365 29.26 3.63 -4.72
CA PRO A 365 29.56 4.68 -3.74
C PRO A 365 28.40 5.67 -3.57
N ALA A 366 28.40 6.36 -2.43
CA ALA A 366 27.42 7.40 -2.16
C ALA A 366 27.96 8.33 -1.08
N PRO A 367 27.69 9.64 -1.22
CA PRO A 367 26.89 10.21 -2.30
C PRO A 367 27.64 10.32 -3.61
N VAL A 368 26.95 10.84 -4.62
CA VAL A 368 27.51 11.10 -5.92
C VAL A 368 26.84 12.37 -6.43
N VAL A 369 27.58 13.21 -7.12
CA VAL A 369 27.01 14.44 -7.60
C VAL A 369 26.16 14.14 -8.82
N ALA A 370 24.89 14.55 -8.76
CA ALA A 370 23.97 14.31 -9.85
C ALA A 370 24.45 14.99 -11.12
N ALA A 371 24.36 14.26 -12.24
CA ALA A 371 24.88 14.76 -13.51
C ALA A 371 24.28 16.11 -13.90
N SER A 372 23.06 16.37 -13.44
CA SER A 372 22.33 17.57 -13.85
C SER A 372 22.40 18.70 -12.82
N SER A 373 22.99 18.43 -11.67
CA SER A 373 23.21 19.49 -10.68
C SER A 373 24.09 20.57 -11.31
N ALA A 374 23.60 21.80 -11.36
CA ALA A 374 24.33 22.88 -12.04
C ALA A 374 25.71 23.13 -11.44
N ARG A 375 26.64 23.61 -12.27
CA ARG A 375 28.05 23.71 -11.91
C ARG A 375 28.57 25.15 -11.85
N GLY A 376 29.47 25.41 -10.91
CA GLY A 376 30.19 26.68 -10.86
C GLY A 376 31.12 26.81 -12.07
N PRO A 377 31.84 27.93 -12.15
CA PRO A 377 31.74 29.02 -11.17
C PRO A 377 30.53 29.90 -11.47
N SER A 378 30.13 30.71 -10.49
CA SER A 378 28.97 31.58 -10.62
C SER A 378 29.09 32.68 -11.66
N ARG A 379 28.27 32.62 -12.70
CA ARG A 379 28.24 33.67 -13.72
C ARG A 379 27.51 34.89 -13.17
N SER A 380 27.14 34.83 -11.90
CA SER A 380 26.61 35.98 -11.19
C SER A 380 27.77 36.73 -10.57
N TYR A 381 28.78 35.97 -10.17
CA TYR A 381 29.95 36.53 -9.51
C TYR A 381 31.02 35.45 -9.45
N LEU A 382 31.95 35.49 -10.40
CA LEU A 382 33.02 34.49 -10.46
C LEU A 382 33.84 34.51 -9.18
N GLY A 383 33.93 35.69 -8.57
CA GLY A 383 34.82 35.93 -7.43
C GLY A 383 34.78 34.89 -6.33
N ILE A 384 33.60 34.37 -6.03
CA ILE A 384 33.47 33.43 -4.91
C ILE A 384 32.94 32.07 -5.36
N SER A 385 33.66 31.02 -4.97
CA SER A 385 33.37 29.65 -5.40
C SER A 385 31.95 29.21 -5.12
N LYS A 386 31.33 28.59 -6.14
CA LYS A 386 29.98 28.08 -6.02
C LYS A 386 29.86 26.78 -6.82
N PRO A 387 29.04 25.83 -6.35
CA PRO A 387 28.15 25.95 -5.19
C PRO A 387 28.89 25.76 -3.87
N ASP A 388 28.17 25.89 -2.76
CA ASP A 388 28.78 25.85 -1.45
C ASP A 388 28.86 24.43 -0.89
N ILE A 389 27.79 23.66 -1.04
CA ILE A 389 27.67 22.40 -0.33
C ILE A 389 26.76 21.38 -1.03
N LEU A 390 26.96 20.10 -0.68
CA LEU A 390 26.23 19.01 -1.32
C LEU A 390 25.19 18.46 -0.35
N ALA A 391 24.03 18.10 -0.87
CA ALA A 391 22.99 17.49 -0.05
C ALA A 391 22.11 16.59 -0.88
N PRO A 392 21.38 15.66 -0.23
CA PRO A 392 20.59 14.66 -0.93
C PRO A 392 19.48 15.33 -1.72
N GLY A 393 19.39 15.02 -3.01
CA GLY A 393 18.40 15.64 -3.87
C GLY A 393 17.81 14.74 -4.94
N VAL A 394 18.37 13.53 -5.10
CA VAL A 394 17.86 12.58 -6.09
C VAL A 394 16.83 11.63 -5.49
N LEU A 395 15.65 11.57 -6.11
CA LEU A 395 14.56 10.71 -5.67
C LEU A 395 14.33 10.76 -4.16
N ILE A 396 13.91 11.92 -3.68
CA ILE A 396 13.64 12.11 -2.26
C ILE A 396 12.14 11.95 -2.00
N LEU A 397 11.80 11.28 -0.90
CA LEU A 397 10.41 11.08 -0.56
C LEU A 397 9.91 12.17 0.36
N ALA A 398 8.81 12.82 -0.05
CA ALA A 398 8.22 13.86 0.77
C ALA A 398 6.72 13.96 0.48
N ALA A 399 6.03 14.68 1.34
CA ALA A 399 4.59 14.88 1.20
C ALA A 399 4.22 15.47 -0.17
N TYR A 400 2.97 15.27 -0.56
CA TYR A 400 2.49 15.70 -1.86
C TYR A 400 0.99 15.87 -1.79
N PRO A 401 0.43 16.84 -2.52
CA PRO A 401 -1.02 17.02 -2.54
C PRO A 401 -1.72 15.77 -3.09
N PRO A 402 -2.76 15.29 -2.39
CA PRO A 402 -3.44 14.04 -2.72
C PRO A 402 -4.25 14.12 -4.00
N ASN A 403 -4.46 15.33 -4.50
CA ASN A 403 -5.37 15.52 -5.63
C ASN A 403 -4.69 16.04 -6.88
N VAL A 404 -3.43 15.66 -7.09
CA VAL A 404 -2.74 16.01 -8.33
C VAL A 404 -2.02 14.79 -8.89
N PHE A 405 -1.81 14.81 -10.21
CA PHE A 405 -1.07 13.75 -10.88
C PHE A 405 0.27 13.45 -10.22
N ALA A 406 0.51 12.18 -9.89
CA ALA A 406 1.76 11.77 -9.25
C ALA A 406 2.63 10.93 -10.18
N THR A 407 2.10 9.79 -10.60
CA THR A 407 2.81 8.95 -11.57
C THR A 407 1.82 8.21 -12.47
N SER A 408 2.33 7.27 -13.27
CA SER A 408 1.52 6.70 -14.32
C SER A 408 1.68 5.18 -14.45
N ILE A 409 0.59 4.51 -14.83
CA ILE A 409 0.63 3.09 -15.18
C ILE A 409 -0.05 2.90 -16.52
N GLY A 410 0.56 2.12 -17.41
CA GLY A 410 0.01 1.96 -18.75
C GLY A 410 -0.03 3.32 -19.40
N THR A 411 -0.74 3.44 -20.52
CA THR A 411 -0.82 4.73 -21.20
C THR A 411 -2.02 5.53 -20.72
N ASN A 412 -2.92 4.90 -19.99
CA ASN A 412 -4.18 5.56 -19.66
C ASN A 412 -4.46 5.78 -18.18
N ILE A 413 -3.62 5.22 -17.30
CA ILE A 413 -3.91 5.33 -15.87
C ILE A 413 -2.97 6.27 -15.13
N LEU A 414 -3.53 7.30 -14.51
CA LEU A 414 -2.76 8.22 -13.69
C LEU A 414 -3.00 7.88 -12.24
N LEU A 415 -1.98 8.03 -11.42
CA LEU A 415 -2.12 7.75 -10.01
C LEU A 415 -1.84 9.01 -9.22
N SER A 416 -2.34 9.06 -7.99
CA SER A 416 -2.06 10.16 -7.09
C SER A 416 -1.58 9.54 -5.80
N THR A 417 -1.09 10.38 -4.89
CA THR A 417 -0.42 9.86 -3.70
C THR A 417 -0.23 10.94 -2.63
N ASP A 418 0.06 10.50 -1.41
CA ASP A 418 0.31 11.43 -0.31
C ASP A 418 1.80 11.73 -0.17
N TYR A 419 2.64 10.80 -0.64
CA TYR A 419 4.09 10.94 -0.57
C TYR A 419 4.72 10.44 -1.85
N ILE A 420 5.54 11.28 -2.46
CA ILE A 420 6.09 10.99 -3.77
C ILE A 420 7.61 11.13 -3.80
N LEU A 421 8.25 10.41 -4.72
CA LEU A 421 9.68 10.55 -4.94
C LEU A 421 9.92 11.65 -5.96
N GLU A 422 10.87 12.54 -5.66
CA GLU A 422 11.15 13.69 -6.52
C GLU A 422 12.64 14.05 -6.49
N SER A 423 13.18 14.43 -7.64
CA SER A 423 14.62 14.72 -7.76
C SER A 423 14.90 16.18 -8.13
N GLY A 424 16.07 16.66 -7.77
CA GLY A 424 16.53 18.00 -8.15
C GLY A 424 17.20 18.75 -7.02
N THR A 425 17.90 19.82 -7.37
CA THR A 425 18.49 20.68 -6.34
C THR A 425 17.39 21.24 -5.45
N SER A 426 16.15 21.21 -5.97
CA SER A 426 14.98 21.63 -5.21
C SER A 426 14.85 20.84 -3.93
N MET A 427 15.20 19.57 -3.99
CA MET A 427 15.10 18.68 -2.84
C MET A 427 16.29 18.86 -1.91
N ALA A 428 17.44 19.19 -2.47
CA ALA A 428 18.65 19.33 -1.68
C ALA A 428 18.59 20.54 -0.74
N ALA A 429 18.20 21.69 -1.29
CA ALA A 429 18.23 22.96 -0.55
C ALA A 429 17.52 22.90 0.80
N PRO A 430 16.28 22.41 0.82
CA PRO A 430 15.54 22.30 2.08
C PRO A 430 16.24 21.41 3.11
N HIS A 431 17.08 20.49 2.66
CA HIS A 431 17.89 19.70 3.58
C HIS A 431 18.87 20.62 4.30
N ALA A 432 19.60 21.42 3.53
CA ALA A 432 20.54 22.37 4.09
C ALA A 432 19.85 23.37 5.01
N ALA A 433 18.71 23.89 4.55
CA ALA A 433 18.00 24.91 5.31
C ALA A 433 17.63 24.40 6.70
N GLY A 434 17.18 23.16 6.77
CA GLY A 434 16.80 22.57 8.05
C GLY A 434 17.99 22.42 8.96
N ILE A 435 19.09 21.93 8.39
CA ILE A 435 20.34 21.77 9.15
C ILE A 435 20.84 23.13 9.64
N ALA A 436 20.81 24.11 8.75
CA ALA A 436 21.22 25.46 9.10
C ALA A 436 20.37 25.97 10.26
N ALA A 437 19.08 25.63 10.23
CA ALA A 437 18.15 26.08 11.25
C ALA A 437 18.47 25.47 12.60
N MET A 438 18.84 24.20 12.60
CA MET A 438 19.16 23.50 13.84
C MET A 438 20.48 24.01 14.41
N LEU A 439 21.44 24.26 13.52
CA LEU A 439 22.69 24.88 13.94
C LEU A 439 22.40 26.19 14.66
N LYS A 440 21.48 26.97 14.10
CA LYS A 440 21.13 28.27 14.64
C LYS A 440 20.43 28.14 15.99
N ALA A 441 19.73 27.02 16.17
CA ALA A 441 19.04 26.75 17.43
C ALA A 441 20.04 26.31 18.49
N ALA A 442 21.10 25.64 18.06
CA ALA A 442 22.14 25.18 18.97
C ALA A 442 23.04 26.34 19.39
N HIS A 443 23.26 27.27 18.46
CA HIS A 443 24.04 28.47 18.71
C HIS A 443 23.25 29.69 18.25
N PRO A 444 22.43 30.26 19.15
CA PRO A 444 21.51 31.36 18.86
C PRO A 444 22.21 32.67 18.45
N GLU A 445 23.51 32.75 18.65
CA GLU A 445 24.24 33.98 18.35
C GLU A 445 25.00 33.90 17.04
N TRP A 446 25.11 32.70 16.49
CA TRP A 446 25.85 32.51 15.25
C TRP A 446 25.22 33.27 14.09
N SER A 447 26.04 33.98 13.34
CA SER A 447 25.58 34.71 12.17
C SER A 447 25.29 33.74 11.03
N PRO A 448 24.50 34.19 10.05
CA PRO A 448 24.28 33.43 8.84
C PRO A 448 25.59 32.94 8.23
N SER A 449 26.60 33.80 8.21
CA SER A 449 27.89 33.47 7.61
C SER A 449 28.64 32.40 8.40
N ALA A 450 28.59 32.50 9.73
CA ALA A 450 29.26 31.53 10.58
C ALA A 450 28.61 30.17 10.37
N ILE A 451 27.28 30.15 10.35
CA ILE A 451 26.55 28.91 10.18
C ILE A 451 26.88 28.26 8.84
N ARG A 452 27.00 29.05 7.79
CA ARG A 452 27.39 28.50 6.51
C ARG A 452 28.81 27.97 6.63
N SER A 453 29.57 28.59 7.52
CA SER A 453 30.95 28.22 7.73
C SER A 453 31.02 26.87 8.40
N ALA A 454 30.28 26.72 9.49
CA ALA A 454 30.24 25.46 10.21
C ALA A 454 29.90 24.30 9.28
N MET A 455 28.92 24.52 8.41
CA MET A 455 28.46 23.48 7.49
C MET A 455 29.52 23.15 6.44
N MET A 456 30.29 24.16 6.03
CA MET A 456 31.26 23.96 4.95
C MET A 456 32.59 23.33 5.42
N THR A 457 33.25 23.96 6.38
CA THR A 457 34.56 23.50 6.83
C THR A 457 34.45 22.16 7.51
N THR A 458 33.21 21.70 7.69
CA THR A 458 32.96 20.45 8.39
C THR A 458 32.40 19.39 7.44
N ALA A 459 32.12 19.81 6.20
CA ALA A 459 31.57 18.92 5.20
C ALA A 459 32.56 17.82 4.84
N ASP A 460 32.05 16.70 4.35
CA ASP A 460 32.89 15.58 3.99
C ASP A 460 33.02 15.46 2.48
N PRO A 461 34.26 15.48 1.98
CA PRO A 461 34.52 15.36 0.55
C PRO A 461 34.70 13.90 0.10
N LEU A 462 34.51 12.96 1.03
CA LEU A 462 34.63 11.54 0.71
C LEU A 462 33.27 10.84 0.82
N ASP A 463 33.15 9.75 0.10
CA ASP A 463 31.92 8.99 0.02
C ASP A 463 31.98 7.80 0.96
N ASN A 464 30.94 6.98 0.95
CA ASN A 464 30.86 5.86 1.88
C ASN A 464 31.96 4.85 1.74
N THR A 465 32.77 4.97 0.71
CA THR A 465 33.88 4.09 0.52
C THR A 465 35.14 4.74 1.00
N ARG A 466 35.06 6.00 1.34
CA ARG A 466 36.21 6.73 1.81
C ARG A 466 37.04 7.21 0.67
N LYS A 467 36.53 7.12 -0.52
CA LYS A 467 37.18 7.83 -1.63
C LYS A 467 36.56 9.21 -1.86
N PRO A 468 37.23 10.03 -2.69
CA PRO A 468 36.71 11.35 -3.02
C PRO A 468 35.42 11.26 -3.82
N ILE A 469 34.41 12.01 -3.42
CA ILE A 469 33.09 11.93 -4.04
C ILE A 469 33.16 12.10 -5.55
N LYS A 470 32.38 11.31 -6.27
CA LYS A 470 32.44 11.31 -7.74
C LYS A 470 31.40 12.21 -8.40
N ASP A 471 31.71 12.65 -9.61
CA ASP A 471 30.75 13.35 -10.45
C ASP A 471 30.07 12.32 -11.36
N SER A 472 28.76 12.16 -11.17
CA SER A 472 28.02 11.12 -11.87
C SER A 472 28.10 11.21 -13.39
N ASP A 473 28.44 12.37 -13.90
CA ASP A 473 28.45 12.58 -15.34
C ASP A 473 29.70 12.01 -16.01
N ASN A 474 30.78 11.92 -15.24
CA ASN A 474 32.06 11.46 -15.81
C ASN A 474 32.73 10.40 -14.95
N ASN A 475 32.27 10.25 -13.71
CA ASN A 475 32.81 9.26 -12.80
C ASN A 475 34.20 9.61 -12.28
N LYS A 476 34.59 10.87 -12.45
CA LYS A 476 35.84 11.35 -11.88
C LYS A 476 35.53 12.10 -10.59
N ALA A 477 36.57 12.41 -9.82
CA ALA A 477 36.39 13.11 -8.55
C ALA A 477 35.65 14.43 -8.75
N ALA A 478 34.66 14.67 -7.90
CA ALA A 478 33.88 15.90 -7.97
C ALA A 478 34.74 17.10 -7.57
N THR A 479 34.51 18.24 -8.23
CA THR A 479 35.17 19.49 -7.89
C THR A 479 34.36 20.29 -6.89
N PRO A 480 34.98 21.32 -6.28
CA PRO A 480 34.21 22.23 -5.44
C PRO A 480 33.19 22.99 -6.28
N LEU A 481 33.43 23.07 -7.58
CA LEU A 481 32.48 23.67 -8.51
C LEU A 481 31.35 22.69 -8.83
N ASP A 482 31.47 21.48 -8.30
CA ASP A 482 30.44 20.47 -8.47
C ASP A 482 29.70 20.29 -7.15
N MET A 483 30.42 20.38 -6.04
CA MET A 483 29.85 20.04 -4.75
C MET A 483 30.26 21.00 -3.63
N GLY A 484 30.88 22.11 -3.97
CA GLY A 484 31.40 23.01 -2.95
C GLY A 484 32.35 22.28 -2.03
N ALA A 485 32.18 22.48 -0.72
CA ALA A 485 33.04 21.85 0.28
C ALA A 485 32.82 20.33 0.37
N GLY A 486 31.63 19.87 -0.03
CA GLY A 486 31.30 18.46 0.03
C GLY A 486 29.94 18.18 0.64
N HIS A 487 29.76 16.96 1.14
CA HIS A 487 28.46 16.52 1.65
C HIS A 487 28.25 16.97 3.09
N VAL A 488 27.10 17.59 3.34
CA VAL A 488 26.78 18.06 4.67
C VAL A 488 26.99 16.97 5.71
N ASP A 489 27.57 17.35 6.84
CA ASP A 489 27.78 16.44 7.96
C ASP A 489 27.29 17.16 9.22
N PRO A 490 25.96 17.18 9.41
CA PRO A 490 25.31 17.97 10.45
C PRO A 490 25.99 17.87 11.82
N ASN A 491 26.20 16.65 12.30
CA ASN A 491 26.71 16.45 13.65
C ASN A 491 28.04 17.13 13.89
N ARG A 492 28.96 17.00 12.93
CA ARG A 492 30.25 17.67 13.02
C ARG A 492 30.05 19.17 12.99
N ALA A 493 29.20 19.64 12.08
CA ALA A 493 28.94 21.06 11.91
C ALA A 493 28.52 21.72 13.22
N LEU A 494 28.04 20.91 14.15
CA LEU A 494 27.65 21.40 15.46
C LEU A 494 28.84 21.93 16.25
N ASP A 495 30.04 21.40 15.97
CA ASP A 495 31.23 21.71 16.74
C ASP A 495 32.44 21.85 15.82
N PRO A 496 32.50 22.95 15.05
CA PRO A 496 33.45 23.16 13.96
C PRO A 496 34.82 23.63 14.44
N GLY A 497 34.90 24.10 15.68
CA GLY A 497 36.16 24.60 16.24
C GLY A 497 36.48 26.01 15.81
N LEU A 498 36.63 26.22 14.51
CA LEU A 498 36.85 27.55 13.95
C LEU A 498 35.75 27.89 12.95
N VAL A 499 35.35 29.15 12.91
CA VAL A 499 34.42 29.62 11.88
C VAL A 499 35.00 30.83 11.15
N TYR A 500 34.75 30.91 9.85
CA TYR A 500 35.04 32.10 9.08
C TYR A 500 33.83 33.01 9.14
N ASP A 501 33.89 34.01 10.02
CA ASP A 501 32.74 34.87 10.26
C ASP A 501 32.73 36.07 9.31
N ALA A 502 31.63 36.82 9.35
CA ALA A 502 31.45 37.97 8.48
C ALA A 502 30.25 38.76 8.96
N THR A 503 30.20 40.03 8.59
CA THR A 503 29.14 40.92 9.07
C THR A 503 28.40 41.57 7.91
N PRO A 504 27.22 42.12 8.18
CA PRO A 504 26.47 42.82 7.14
C PRO A 504 27.36 43.85 6.45
N GLN A 505 28.08 44.64 7.24
CA GLN A 505 28.96 45.65 6.68
C GLN A 505 29.94 45.04 5.68
N ASP A 506 30.36 43.81 5.95
CA ASP A 506 31.30 43.11 5.07
C ASP A 506 30.71 42.88 3.68
N TYR A 507 29.41 42.64 3.62
CA TYR A 507 28.75 42.41 2.34
C TYR A 507 28.54 43.71 1.59
N VAL A 508 28.16 44.76 2.32
CA VAL A 508 28.10 46.08 1.72
C VAL A 508 29.43 46.40 1.04
N ASN A 509 30.51 46.28 1.79
CA ASN A 509 31.86 46.53 1.24
C ASN A 509 32.14 45.70 0.00
N LEU A 510 31.64 44.47 -0.01
CA LEU A 510 31.79 43.60 -1.17
C LEU A 510 30.94 44.11 -2.32
N LEU A 511 29.67 44.36 -2.03
CA LEU A 511 28.75 44.86 -3.04
C LEU A 511 29.39 46.09 -3.66
N CYS A 512 29.99 46.89 -2.80
CA CYS A 512 30.55 48.18 -3.17
C CYS A 512 31.69 48.04 -4.18
N SER A 513 32.47 46.98 -4.05
CA SER A 513 33.64 46.79 -4.90
C SER A 513 33.23 46.30 -6.28
N LEU A 514 31.94 46.06 -6.47
CA LEU A 514 31.45 45.58 -7.75
C LEU A 514 31.38 46.71 -8.76
N ASN A 515 31.43 47.95 -8.28
CA ASN A 515 31.42 49.11 -9.14
C ASN A 515 30.22 49.15 -10.08
N PHE A 516 29.02 49.04 -9.50
CA PHE A 516 27.80 49.27 -10.26
C PHE A 516 27.53 50.76 -10.22
N THR A 517 26.68 51.24 -11.13
CA THR A 517 26.16 52.59 -10.99
C THR A 517 25.45 52.64 -9.66
N GLU A 518 25.28 53.83 -9.09
CA GLU A 518 24.65 53.94 -7.78
C GLU A 518 23.16 53.59 -7.80
N GLU A 519 22.59 53.56 -9.00
CA GLU A 519 21.19 53.17 -9.14
C GLU A 519 21.10 51.65 -9.02
N GLN A 520 21.95 50.96 -9.77
CA GLN A 520 22.08 49.53 -9.66
C GLN A 520 22.39 49.13 -8.22
N PHE A 521 23.35 49.84 -7.62
CA PHE A 521 23.70 49.58 -6.23
C PHE A 521 22.47 49.66 -5.33
N LYS A 522 21.67 50.70 -5.54
CA LYS A 522 20.46 50.90 -4.74
C LYS A 522 19.43 49.79 -4.97
N THR A 523 19.35 49.31 -6.21
CA THR A 523 18.43 48.25 -6.55
C THR A 523 18.67 47.05 -5.64
N ILE A 524 19.94 46.67 -5.51
CA ILE A 524 20.30 45.48 -4.74
C ILE A 524 20.28 45.71 -3.22
N ALA A 525 20.76 46.87 -2.77
CA ALA A 525 21.05 47.08 -1.35
C ALA A 525 19.86 47.65 -0.62
N ARG A 526 18.75 47.69 -1.35
CA ARG A 526 17.92 48.89 -1.39
C ARG A 526 18.07 49.82 -0.21
N SER A 527 17.53 49.42 0.94
CA SER A 527 17.47 50.33 2.08
C SER A 527 18.15 49.78 3.31
N SER A 528 19.09 48.86 3.11
CA SER A 528 19.85 48.30 4.22
C SER A 528 21.20 48.98 4.35
N ALA A 529 21.57 49.73 3.31
CA ALA A 529 22.85 50.44 3.27
C ALA A 529 22.76 51.61 2.29
N SER A 530 23.68 52.56 2.44
CA SER A 530 23.70 53.73 1.57
C SER A 530 25.00 53.79 0.75
N HIS A 531 24.93 54.48 -0.38
CA HIS A 531 26.08 54.61 -1.29
C HIS A 531 27.11 55.58 -0.70
N CYS A 533 29.73 53.95 2.03
CA CYS A 533 30.33 52.88 1.25
C CYS A 533 31.73 53.27 0.78
N SER A 534 32.55 53.69 1.73
CA SER A 534 33.86 54.27 1.44
C SER A 534 35.00 53.29 1.61
N ASN A 535 34.67 52.05 1.94
CA ASN A 535 35.69 51.02 2.18
C ASN A 535 35.48 49.78 1.33
N PRO A 536 35.48 49.94 0.00
CA PRO A 536 35.30 48.82 -0.91
C PRO A 536 36.30 47.71 -0.62
N SER A 537 35.85 46.47 -0.72
CA SER A 537 36.68 45.32 -0.39
C SER A 537 36.06 44.03 -0.93
N ALA A 538 36.74 43.40 -1.88
CA ALA A 538 36.23 42.20 -2.52
C ALA A 538 36.65 40.92 -1.82
N ASP A 539 37.69 41.00 -0.99
CA ASP A 539 38.20 39.83 -0.29
C ASP A 539 37.30 39.44 0.87
N LEU A 540 36.06 39.05 0.56
CA LEU A 540 35.09 38.66 1.58
C LEU A 540 35.57 37.40 2.32
N ASN A 541 35.49 37.44 3.64
CA ASN A 541 35.98 36.33 4.47
C ASN A 541 35.18 35.04 4.27
N TYR A 542 35.58 34.26 3.28
CA TYR A 542 34.81 33.09 2.86
C TYR A 542 35.53 31.78 3.14
N PRO A 543 34.78 30.75 3.56
CA PRO A 543 35.35 29.43 3.87
C PRO A 543 35.76 28.62 2.65
N SER A 544 36.00 29.27 1.52
CA SER A 544 36.53 28.56 0.35
C SER A 544 37.34 29.51 -0.52
N PHE A 545 38.07 28.94 -1.48
CA PHE A 545 38.98 29.74 -2.30
C PHE A 545 38.87 29.40 -3.79
N ILE A 546 38.84 30.44 -4.61
CA ILE A 546 38.87 30.26 -6.07
C ILE A 546 39.94 31.14 -6.70
N ALA A 547 40.71 30.58 -7.63
CA ALA A 547 41.76 31.31 -8.32
C ALA A 547 41.51 31.31 -9.83
N LEU A 548 41.23 32.49 -10.37
CA LEU A 548 40.76 32.61 -11.74
C LEU A 548 41.86 33.00 -12.73
N TYR A 549 41.71 32.56 -13.98
CA TYR A 549 42.70 32.85 -15.01
C TYR A 549 42.07 33.08 -16.39
N SER A 550 42.34 34.24 -16.97
CA SER A 550 41.85 34.55 -18.31
C SER A 550 42.27 33.49 -19.33
N ILE A 551 41.45 33.31 -20.36
CA ILE A 551 41.77 32.39 -21.44
C ILE A 551 41.87 33.13 -22.77
N GLU A 552 42.00 34.45 -22.70
CA GLU A 552 42.09 35.28 -23.90
C GLU A 552 43.54 35.50 -24.32
N GLY A 553 44.17 34.46 -24.87
CA GLY A 553 45.55 34.57 -25.34
C GLY A 553 46.53 33.64 -24.63
N ASN A 554 47.74 34.13 -24.42
CA ASN A 554 48.81 33.35 -23.82
C ASN A 554 48.63 33.12 -22.32
N PHE A 555 48.98 31.92 -21.86
CA PHE A 555 48.89 31.58 -20.45
C PHE A 555 50.23 31.77 -19.78
N THR A 556 50.22 32.53 -18.69
CA THR A 556 51.44 32.91 -18.01
C THR A 556 51.29 32.70 -16.50
N LEU A 557 52.35 32.22 -15.85
CA LEU A 557 52.32 32.02 -14.41
C LEU A 557 51.59 33.18 -13.74
N LEU A 558 50.53 32.86 -12.99
CA LEU A 558 49.78 33.87 -12.24
C LEU A 558 49.91 33.63 -10.74
N GLU A 559 49.64 34.66 -9.96
CA GLU A 559 49.67 34.54 -8.51
C GLU A 559 48.51 35.27 -7.85
N GLN A 560 48.02 34.72 -6.74
CA GLN A 560 46.89 35.29 -6.04
C GLN A 560 47.11 35.17 -4.54
N LYS A 561 46.61 36.15 -3.79
CA LYS A 561 46.74 36.16 -2.34
C LYS A 561 45.39 36.38 -1.68
N PHE A 562 45.03 35.51 -0.75
CA PHE A 562 43.76 35.61 -0.07
C PHE A 562 43.95 35.84 1.42
N LYS A 563 43.20 36.78 1.96
CA LYS A 563 43.28 37.10 3.37
C LYS A 563 42.04 36.54 4.07
N ARG A 564 42.26 35.77 5.13
CA ARG A 564 41.15 35.19 5.88
C ARG A 564 41.31 35.45 7.37
N THR A 565 40.19 35.64 8.04
CA THR A 565 40.17 35.73 9.48
C THR A 565 39.33 34.58 10.02
N VAL A 566 39.82 33.92 11.05
CA VAL A 566 39.12 32.79 11.61
C VAL A 566 38.97 32.97 13.11
N THR A 567 37.73 32.93 13.59
CA THR A 567 37.47 33.07 15.01
C THR A 567 37.26 31.71 15.68
N ASN A 568 37.75 31.58 16.90
CA ASN A 568 37.71 30.31 17.61
C ASN A 568 36.41 30.10 18.39
N VAL A 569 35.63 29.11 17.96
CA VAL A 569 34.36 28.82 18.61
C VAL A 569 34.44 27.60 19.53
N GLY A 570 35.65 27.06 19.68
CA GLY A 570 35.88 25.92 20.56
C GLY A 570 35.71 26.29 22.02
N ALA A 573 40.95 27.64 24.35
CA ALA A 573 42.37 27.71 24.04
C ALA A 573 42.78 26.50 23.20
N ALA A 574 43.47 26.76 22.10
CA ALA A 574 43.86 25.69 21.19
C ALA A 574 44.75 26.24 20.10
N THR A 575 45.48 25.36 19.44
CA THR A 575 46.37 25.77 18.36
C THR A 575 46.17 24.86 17.15
N TYR A 576 46.25 25.45 15.97
CA TYR A 576 46.03 24.70 14.74
C TYR A 576 47.22 24.81 13.80
N LYS A 577 47.54 23.70 13.15
CA LYS A 577 48.57 23.69 12.12
C LYS A 577 47.90 23.52 10.76
N ALA A 578 48.31 24.32 9.79
CA ALA A 578 47.72 24.25 8.47
C ALA A 578 48.33 23.10 7.69
N LYS A 579 47.48 22.24 7.15
CA LYS A 579 47.92 21.25 6.19
C LYS A 579 47.49 21.66 4.80
N LEU A 580 48.40 21.57 3.84
CA LEU A 580 48.13 22.05 2.49
C LEU A 580 48.12 20.92 1.46
N LYS A 581 47.17 21.00 0.54
CA LYS A 581 47.19 20.18 -0.66
C LYS A 581 46.97 21.10 -1.85
N ALA A 582 48.03 21.36 -2.61
CA ALA A 582 47.95 22.31 -3.71
C ALA A 582 47.30 21.69 -4.94
N PRO A 583 46.39 22.44 -5.57
CA PRO A 583 45.81 21.97 -6.83
C PRO A 583 46.92 21.56 -7.80
N LYS A 584 46.61 20.59 -8.65
CA LYS A 584 47.53 20.16 -9.68
C LYS A 584 48.13 21.35 -10.42
N ASN A 585 49.32 21.17 -11.00
CA ASN A 585 50.01 22.25 -11.71
C ASN A 585 49.90 23.60 -11.03
N SER A 586 50.21 23.65 -9.73
CA SER A 586 50.21 24.91 -9.00
C SER A 586 50.83 24.74 -7.62
N THR A 587 51.20 25.86 -7.00
CA THR A 587 51.75 25.81 -5.65
C THR A 587 50.96 26.74 -4.74
N ILE A 588 50.89 26.39 -3.48
CA ILE A 588 50.22 27.21 -2.50
C ILE A 588 51.05 27.29 -1.24
N SER A 589 50.87 28.37 -0.49
CA SER A 589 51.61 28.57 0.75
C SER A 589 50.75 29.43 1.66
N VAL A 590 50.82 29.15 2.96
CA VAL A 590 50.06 29.94 3.92
C VAL A 590 51.00 30.63 4.90
N SER A 591 50.46 31.57 5.67
CA SER A 591 51.23 32.29 6.66
C SER A 591 50.31 33.11 7.53
N PRO A 592 50.44 32.95 8.86
CA PRO A 592 51.35 31.99 9.48
C PRO A 592 50.94 30.56 9.16
N GLN A 593 51.83 29.62 9.46
CA GLN A 593 51.55 28.20 9.23
C GLN A 593 50.93 27.60 10.49
N ILE A 594 50.74 28.43 11.51
CA ILE A 594 50.23 27.98 12.78
C ILE A 594 49.38 29.07 13.40
N LEU A 595 48.30 28.67 14.05
CA LEU A 595 47.43 29.64 14.69
C LEU A 595 47.22 29.28 16.16
N VAL A 596 47.67 30.16 17.04
CA VAL A 596 47.54 29.92 18.47
C VAL A 596 46.36 30.71 19.02
N PHE A 597 45.58 30.08 19.89
CA PHE A 597 44.39 30.69 20.45
C PHE A 597 44.39 30.63 21.96
N LYS A 598 44.33 31.80 22.59
CA LYS A 598 44.31 31.88 24.04
C LYS A 598 42.98 31.43 24.65
N ASN A 599 41.87 31.82 24.02
CA ASN A 599 40.55 31.47 24.54
C ASN A 599 39.39 31.76 23.59
N ASN A 601 36.55 32.84 21.27
CA ASN A 601 36.10 34.02 20.55
C ASN A 601 37.28 34.84 20.00
N GLU A 602 38.49 34.52 20.45
CA GLU A 602 39.67 35.18 19.91
C GLU A 602 39.67 35.03 18.39
N LYS A 603 40.14 36.05 17.69
CA LYS A 603 40.24 35.99 16.24
C LYS A 603 41.69 35.97 15.79
N GLN A 604 41.95 35.30 14.69
CA GLN A 604 43.31 35.18 14.17
C GLN A 604 43.20 35.19 12.65
N SER A 605 44.12 35.90 12.00
CA SER A 605 44.09 36.02 10.56
C SER A 605 45.25 35.27 9.92
N TYR A 606 45.15 35.04 8.62
CA TYR A 606 46.23 34.43 7.88
C TYR A 606 46.07 34.73 6.39
N THR A 607 47.08 34.38 5.61
CA THR A 607 47.03 34.64 4.18
C THR A 607 47.45 33.43 3.37
N LEU A 608 46.60 33.04 2.44
CA LEU A 608 46.90 31.94 1.55
C LEU A 608 47.36 32.52 0.22
N THR A 609 48.34 31.89 -0.39
CA THR A 609 48.84 32.36 -1.67
C THR A 609 49.01 31.22 -2.67
N ILE A 610 48.44 31.38 -3.85
CA ILE A 610 48.53 30.37 -4.88
C ILE A 610 49.32 30.92 -6.07
N ARG A 611 50.17 30.08 -6.63
CA ARG A 611 50.83 30.42 -7.86
C ARG A 611 50.41 29.34 -8.85
N TYR A 612 49.76 29.76 -9.94
CA TYR A 612 49.17 28.80 -10.86
C TYR A 612 49.23 29.33 -12.29
N ILE A 613 48.86 28.45 -13.23
CA ILE A 613 48.83 28.81 -14.63
C ILE A 613 47.67 28.07 -15.30
N GLY A 614 46.96 28.75 -16.20
CA GLY A 614 45.78 28.18 -16.81
C GLY A 614 46.06 27.44 -18.11
N ASP A 615 44.99 26.95 -18.73
CA ASP A 615 45.08 26.27 -20.01
C ASP A 615 43.76 26.38 -20.78
N SER A 619 39.78 24.05 -17.59
CA SER A 619 40.51 23.14 -16.70
C SER A 619 40.55 23.66 -15.26
N ARG A 620 39.90 22.94 -14.36
CA ARG A 620 39.71 23.41 -12.98
C ARG A 620 40.29 22.44 -11.97
N ASN A 621 41.46 22.78 -11.43
CA ASN A 621 42.14 21.92 -10.48
C ASN A 621 41.76 22.23 -9.04
N VAL A 622 41.85 21.23 -8.18
CA VAL A 622 41.42 21.38 -6.80
C VAL A 622 42.48 20.97 -5.79
N GLY A 623 42.41 21.62 -4.64
CA GLY A 623 43.28 21.32 -3.52
C GLY A 623 42.53 21.84 -2.31
N SER A 624 43.24 22.03 -1.20
CA SER A 624 42.56 22.49 -0.01
C SER A 624 43.53 22.97 1.06
N ILE A 625 42.97 23.47 2.14
CA ILE A 625 43.74 23.85 3.31
C ILE A 625 42.94 23.49 4.54
N THR A 626 43.54 22.67 5.39
CA THR A 626 42.86 22.22 6.59
C THR A 626 43.61 22.70 7.83
N TRP A 627 42.90 23.34 8.74
CA TRP A 627 43.47 23.67 10.03
C TRP A 627 43.15 22.59 11.05
N VAL A 628 44.11 21.70 11.26
CA VAL A 628 43.95 20.59 12.20
C VAL A 628 44.48 20.94 13.59
N GLU A 629 43.63 20.74 14.60
CA GLU A 629 43.99 21.01 15.98
C GLU A 629 45.03 20.02 16.50
N GLN A 630 46.06 20.53 17.16
CA GLN A 630 47.16 19.70 17.64
C GLN A 630 46.80 18.95 18.92
N ASN A 631 46.17 19.64 19.86
CA ASN A 631 45.76 19.02 21.12
C ASN A 631 44.26 18.76 21.16
N GLY A 632 43.72 18.27 20.06
CA GLY A 632 42.29 18.01 19.94
C GLY A 632 41.97 17.37 18.61
N ASN A 633 40.69 17.22 18.34
CA ASN A 633 40.24 16.51 17.14
C ASN A 633 39.45 17.37 16.17
N HIS A 634 39.67 18.68 16.20
CA HIS A 634 39.01 19.59 15.28
C HIS A 634 39.76 19.65 13.95
N SER A 635 39.01 19.75 12.87
CA SER A 635 39.60 19.87 11.54
C SER A 635 38.79 20.84 10.70
N VAL A 636 39.35 22.04 10.48
CA VAL A 636 38.65 23.08 9.75
C VAL A 636 39.12 23.10 8.30
N ARG A 637 38.29 22.57 7.40
CA ARG A 637 38.72 22.39 6.01
C ARG A 637 38.09 23.39 5.04
N SER A 638 38.91 23.88 4.11
CA SER A 638 38.46 24.81 3.09
C SER A 638 39.03 24.38 1.74
N PRO A 639 38.16 24.18 0.75
CA PRO A 639 38.60 23.78 -0.58
C PRO A 639 39.20 24.93 -1.37
N ILE A 640 40.03 24.59 -2.36
CA ILE A 640 40.64 25.56 -3.25
C ILE A 640 40.44 25.09 -4.68
N VAL A 641 40.07 26.00 -5.58
CA VAL A 641 39.88 25.60 -6.97
C VAL A 641 40.31 26.68 -7.94
N THR A 642 41.02 26.28 -8.98
CA THR A 642 41.38 27.19 -10.06
C THR A 642 40.32 27.07 -11.14
N SER A 643 40.10 28.15 -11.86
CA SER A 643 39.05 28.20 -12.86
C SER A 643 39.33 29.24 -13.94
N PRO A 644 38.91 28.94 -15.18
CA PRO A 644 39.00 29.93 -16.24
C PRO A 644 38.06 31.07 -15.92
N ILE A 645 38.25 32.21 -16.56
CA ILE A 645 37.34 33.34 -16.40
C ILE A 645 36.35 33.34 -17.56
N ILE A 646 35.10 32.98 -17.26
CA ILE A 646 34.08 32.78 -18.28
C ILE A 646 33.12 33.95 -18.38
N GLU A 647 32.35 33.99 -19.46
CA GLU A 647 31.33 35.02 -19.67
C GLU A 647 30.43 35.17 -18.45
N VAL A 648 30.42 36.36 -17.88
CA VAL A 648 29.52 36.64 -16.77
C VAL A 648 28.23 37.26 -17.29
N TRP A 649 27.17 37.23 -16.46
CA TRP A 649 25.93 37.87 -16.85
C TRP A 649 25.97 39.35 -16.47
N THR B 1 -11.47 -10.72 6.57
CA THR B 1 -11.47 -10.98 8.04
C THR B 1 -10.91 -9.80 8.83
N THR B 2 -10.84 -8.64 8.18
CA THR B 2 -10.49 -7.41 8.89
C THR B 2 -11.73 -6.80 9.53
N HIS B 3 -12.90 -7.35 9.21
CA HIS B 3 -14.16 -6.86 9.76
C HIS B 3 -15.06 -8.00 10.22
N THR B 4 -14.93 -9.14 9.53
CA THR B 4 -15.82 -10.28 9.69
C THR B 4 -16.14 -10.73 11.13
N SER B 5 -15.14 -10.76 12.00
CA SER B 5 -15.41 -11.16 13.38
C SER B 5 -16.21 -10.08 14.13
N ASP B 6 -16.01 -8.83 13.72
CA ASP B 6 -16.80 -7.72 14.26
C ASP B 6 -18.25 -7.85 13.81
N PHE B 7 -18.42 -8.19 12.54
CA PHE B 7 -19.73 -8.41 11.97
C PHE B 7 -20.47 -9.51 12.72
N LEU B 8 -19.72 -10.44 13.29
CA LEU B 8 -20.31 -11.55 14.03
C LEU B 8 -20.45 -11.24 15.52
N LYS B 9 -19.98 -10.05 15.90
CA LYS B 9 -20.10 -9.57 17.29
C LYS B 9 -19.07 -10.18 18.21
N LEU B 10 -18.15 -10.96 17.67
CA LEU B 10 -17.13 -11.58 18.50
C LEU B 10 -16.21 -10.52 19.08
N ASN B 11 -15.78 -10.72 20.32
CA ASN B 11 -14.94 -9.75 21.01
C ASN B 11 -14.31 -10.34 22.26
N PRO B 12 -13.23 -9.71 22.75
CA PRO B 12 -12.47 -10.20 23.90
C PRO B 12 -13.19 -10.01 25.24
N SER B 13 -14.10 -9.04 25.30
CA SER B 13 -14.80 -8.77 26.55
C SER B 13 -15.67 -9.93 26.98
N SER B 14 -16.62 -10.29 26.12
CA SER B 14 -17.66 -11.25 26.47
C SER B 14 -18.04 -12.11 25.27
N GLY B 15 -18.88 -13.12 25.51
CA GLY B 15 -19.34 -14.01 24.44
C GLY B 15 -18.44 -15.22 24.24
N LEU B 16 -18.36 -15.67 22.99
CA LEU B 16 -17.66 -16.91 22.65
C LEU B 16 -16.13 -16.83 22.82
N TRP B 17 -15.55 -15.70 22.42
CA TRP B 17 -14.10 -15.56 22.46
C TRP B 17 -13.52 -15.79 23.86
N PRO B 18 -13.91 -14.96 24.83
CA PRO B 18 -13.39 -15.13 26.18
C PRO B 18 -13.72 -16.51 26.72
N ALA B 19 -14.99 -16.90 26.59
CA ALA B 19 -15.44 -18.22 27.01
C ALA B 19 -14.58 -19.34 26.44
N SER B 20 -14.03 -19.13 25.24
CA SER B 20 -13.32 -20.19 24.53
C SER B 20 -11.82 -19.97 24.46
N GLY B 21 -11.35 -18.82 24.97
CA GLY B 21 -9.95 -18.47 24.86
C GLY B 21 -9.57 -18.34 23.39
N LEU B 22 -10.51 -17.86 22.59
CA LEU B 22 -10.29 -17.71 21.16
C LEU B 22 -9.85 -19.03 20.53
N GLY B 23 -10.19 -20.14 21.19
CA GLY B 23 -9.99 -21.48 20.63
C GLY B 23 -8.59 -22.05 20.79
N GLN B 24 -7.79 -21.44 21.65
CA GLN B 24 -6.39 -21.83 21.81
C GLN B 24 -6.22 -23.33 22.08
N ASP B 25 -7.14 -23.93 22.82
CA ASP B 25 -7.00 -25.32 23.21
C ASP B 25 -7.70 -26.30 22.28
N VAL B 26 -8.14 -25.81 21.11
CA VAL B 26 -8.86 -26.66 20.18
C VAL B 26 -8.11 -26.72 18.84
N ILE B 27 -8.43 -27.74 18.04
CA ILE B 27 -7.72 -27.97 16.79
C ILE B 27 -8.69 -28.15 15.61
N VAL B 28 -8.50 -27.36 14.57
CA VAL B 28 -9.32 -27.46 13.39
C VAL B 28 -8.48 -27.82 12.16
N ALA B 29 -8.90 -28.86 11.46
CA ALA B 29 -8.18 -29.33 10.31
C ALA B 29 -8.76 -28.73 9.04
N VAL B 30 -7.89 -28.39 8.10
CA VAL B 30 -8.31 -27.83 6.83
C VAL B 30 -7.87 -28.73 5.69
N LEU B 31 -8.84 -29.34 5.04
CA LEU B 31 -8.57 -30.23 3.93
C LEU B 31 -8.43 -29.42 2.65
N SER B 33 -5.75 -27.48 -0.56
CA SER B 33 -4.63 -27.41 -1.49
C SER B 33 -3.35 -27.05 -0.74
N GLY B 34 -3.37 -27.18 0.56
CA GLY B 34 -2.20 -26.90 1.36
C GLY B 34 -2.21 -25.51 1.94
N ILE B 35 -1.03 -24.96 2.15
CA ILE B 35 -0.89 -23.73 2.89
C ILE B 35 0.44 -23.05 2.58
N TRP B 36 0.45 -21.73 2.68
CA TRP B 36 1.68 -20.95 2.61
C TRP B 36 2.08 -20.57 4.03
N PRO B 37 3.00 -21.34 4.64
CA PRO B 37 3.28 -21.25 6.08
C PRO B 37 3.85 -19.92 6.56
N GLU B 38 4.67 -19.28 5.75
CA GLU B 38 5.36 -18.06 6.21
C GLU B 38 4.47 -16.81 6.21
N SER B 39 3.17 -16.98 6.02
CA SER B 39 2.23 -15.87 6.09
C SER B 39 2.07 -15.39 7.53
N ALA B 40 1.84 -14.09 7.69
CA ALA B 40 1.65 -13.52 9.02
C ALA B 40 0.49 -14.18 9.75
N SER B 41 -0.53 -14.60 8.99
CA SER B 41 -1.71 -15.20 9.58
C SER B 41 -1.36 -16.50 10.30
N PHE B 42 -0.21 -17.07 9.97
CA PHE B 42 0.13 -18.38 10.50
C PHE B 42 1.33 -18.36 11.45
N GLN B 43 1.67 -17.16 11.94
CA GLN B 43 2.70 -17.03 12.95
C GLN B 43 2.04 -17.22 14.32
N ASP B 44 2.84 -17.38 15.36
CA ASP B 44 2.30 -17.77 16.66
C ASP B 44 2.65 -16.80 17.79
N ASP B 45 2.31 -15.53 17.62
CA ASP B 45 2.73 -14.50 18.58
C ASP B 45 2.09 -14.58 19.96
N GLY B 46 0.79 -14.86 20.03
CA GLY B 46 0.12 -14.93 21.32
C GLY B 46 -0.21 -16.35 21.75
N MET B 47 0.43 -17.32 21.11
CA MET B 47 0.05 -18.73 21.27
C MET B 47 0.72 -19.41 22.46
N PRO B 48 -0.10 -19.97 23.37
CA PRO B 48 0.45 -20.82 24.42
C PRO B 48 0.97 -22.13 23.83
N GLU B 49 1.60 -22.94 24.66
CA GLU B 49 2.16 -24.22 24.22
C GLU B 49 1.13 -25.13 23.55
N ILE B 50 1.60 -25.99 22.67
CA ILE B 50 0.74 -26.96 22.00
C ILE B 50 0.25 -28.01 22.99
N PRO B 51 -1.08 -28.27 22.99
CA PRO B 51 -1.66 -29.26 23.90
C PRO B 51 -1.03 -30.63 23.71
N LYS B 52 -0.71 -31.31 24.82
CA LYS B 52 -0.04 -32.61 24.77
C LYS B 52 -0.81 -33.62 23.92
N ARG B 53 -2.14 -33.61 24.04
CA ARG B 53 -2.97 -34.51 23.27
C ARG B 53 -2.50 -34.71 21.83
N TRP B 54 -2.01 -33.62 21.24
CA TRP B 54 -1.65 -33.61 19.81
C TRP B 54 -0.32 -34.29 19.51
N LYS B 55 -0.32 -35.16 18.49
CA LYS B 55 0.88 -35.88 18.09
C LYS B 55 1.03 -35.90 16.58
N GLY B 56 0.34 -35.00 15.90
CA GLY B 56 0.41 -34.91 14.45
C GLY B 56 1.79 -34.52 13.97
N ILE B 57 2.10 -34.90 12.73
CA ILE B 57 3.43 -34.66 12.19
C ILE B 57 3.50 -33.41 11.32
N CYS B 58 4.72 -32.95 11.10
CA CYS B 58 5.00 -31.91 10.12
C CYS B 58 5.75 -32.58 8.99
N LYS B 59 5.01 -33.20 8.08
CA LYS B 59 5.61 -34.05 7.06
C LYS B 59 6.41 -33.25 6.03
N PRO B 60 7.71 -33.59 5.89
CA PRO B 60 8.58 -32.91 4.95
C PRO B 60 8.17 -33.16 3.51
N GLY B 61 8.67 -32.32 2.60
CA GLY B 61 8.39 -32.44 1.18
C GLY B 61 9.08 -31.32 0.42
N THR B 62 8.68 -31.10 -0.82
CA THR B 62 9.25 -30.00 -1.61
C THR B 62 9.12 -28.67 -0.87
N GLN B 63 10.23 -27.93 -0.82
CA GLN B 63 10.26 -26.60 -0.21
C GLN B 63 9.50 -26.54 1.11
N PHE B 64 9.47 -27.65 1.83
CA PHE B 64 8.77 -27.70 3.10
C PHE B 64 9.51 -28.68 4.00
N ASN B 65 10.05 -28.19 5.12
CA ASN B 65 10.75 -29.08 6.05
C ASN B 65 10.14 -29.13 7.45
N ALA B 66 10.55 -30.13 8.22
CA ALA B 66 9.90 -30.47 9.48
C ALA B 66 9.95 -29.38 10.54
N SER B 67 10.54 -28.24 10.22
CA SER B 67 10.58 -27.14 11.17
C SER B 67 9.57 -26.08 10.77
N MET B 68 8.83 -26.38 9.70
CA MET B 68 7.89 -25.43 9.12
C MET B 68 6.66 -25.22 9.99
N CYS B 69 6.53 -26.03 11.04
CA CYS B 69 5.37 -25.93 11.92
C CYS B 69 5.67 -25.06 13.14
N ASN B 70 4.63 -24.67 13.86
CA ASN B 70 4.78 -23.90 15.09
C ASN B 70 3.55 -24.03 16.00
N ARG B 71 3.48 -23.20 17.03
CA ARG B 71 2.39 -23.30 18.00
C ARG B 71 1.04 -22.89 17.42
N LYS B 72 1.06 -22.41 16.18
CA LYS B 72 -0.16 -22.02 15.47
C LYS B 72 -0.47 -23.05 14.40
N LEU B 73 0.42 -23.15 13.42
CA LEU B 73 0.36 -24.18 12.40
C LEU B 73 1.02 -25.43 12.96
N ILE B 74 0.26 -26.22 13.71
CA ILE B 74 0.85 -27.31 14.48
C ILE B 74 1.01 -28.61 13.68
N GLY B 75 0.28 -28.75 12.59
CA GLY B 75 0.35 -29.96 11.78
C GLY B 75 0.28 -29.70 10.28
N ALA B 76 1.03 -30.48 9.52
CA ALA B 76 1.01 -30.37 8.07
C ALA B 76 1.23 -31.75 7.43
N ASN B 77 0.27 -32.16 6.61
CA ASN B 77 0.35 -33.47 5.98
C ASN B 77 -0.23 -33.38 4.58
N TYR B 78 0.25 -34.22 3.67
CA TYR B 78 -0.27 -34.21 2.32
C TYR B 78 -0.50 -35.61 1.78
N PHE B 79 -1.37 -35.73 0.79
CA PHE B 79 -1.80 -37.04 0.33
C PHE B 79 -1.89 -37.08 -1.20
N ASN B 80 -0.92 -37.75 -1.81
CA ASN B 80 -0.77 -37.70 -3.26
C ASN B 80 -0.80 -39.07 -3.93
N LYS B 81 -1.05 -40.11 -3.16
CA LYS B 81 -1.03 -41.48 -3.70
C LYS B 81 -2.06 -41.70 -4.81
N GLY B 82 -3.24 -41.11 -4.68
CA GLY B 82 -4.21 -41.15 -5.75
C GLY B 82 -3.63 -40.67 -7.06
N ILE B 83 -2.86 -39.58 -7.00
CA ILE B 83 -2.27 -39.02 -8.20
C ILE B 83 -1.28 -40.00 -8.81
N LEU B 84 -0.38 -40.49 -7.98
CA LEU B 84 0.69 -41.36 -8.44
C LEU B 84 0.15 -42.69 -8.98
N ALA B 85 -0.67 -43.36 -8.19
CA ALA B 85 -1.36 -44.56 -8.64
C ALA B 85 -2.02 -44.32 -10.00
N ASN B 86 -2.69 -43.19 -10.15
CA ASN B 86 -3.32 -42.87 -11.42
C ASN B 86 -2.29 -42.84 -12.54
N ASP B 87 -1.09 -42.36 -12.22
CA ASP B 87 -0.07 -42.24 -13.24
C ASP B 87 1.29 -41.96 -12.62
N PRO B 88 2.08 -43.00 -12.39
CA PRO B 88 3.39 -42.89 -11.74
C PRO B 88 4.36 -42.10 -12.59
N THR B 89 3.98 -41.82 -13.83
CA THR B 89 4.81 -41.04 -14.74
C THR B 89 4.82 -39.55 -14.42
N VAL B 90 3.93 -39.14 -13.50
CA VAL B 90 3.77 -37.73 -13.20
C VAL B 90 4.88 -37.19 -12.31
N ASN B 91 5.34 -35.98 -12.63
CA ASN B 91 6.28 -35.23 -11.79
C ASN B 91 5.54 -34.15 -11.01
N ILE B 92 5.24 -34.42 -9.74
CA ILE B 92 4.55 -33.46 -8.90
C ILE B 92 5.47 -32.32 -8.47
N THR B 93 5.25 -31.14 -9.05
CA THR B 93 6.14 -30.00 -8.82
C THR B 93 6.24 -29.59 -7.36
N MET B 94 5.10 -29.49 -6.68
CA MET B 94 5.12 -29.12 -5.26
C MET B 94 4.68 -30.28 -4.40
N ASN B 95 5.60 -31.22 -4.17
CA ASN B 95 5.26 -32.43 -3.46
C ASN B 95 5.29 -32.27 -1.95
N SER B 96 4.38 -31.45 -1.43
CA SER B 96 4.28 -31.20 0.00
C SER B 96 3.00 -30.44 0.31
N ALA B 97 2.89 -29.94 1.54
CA ALA B 97 1.71 -29.20 1.97
C ALA B 97 1.73 -27.72 1.58
N ARG B 98 2.80 -27.28 0.93
CA ARG B 98 2.90 -25.89 0.49
C ARG B 98 1.83 -25.61 -0.59
N ASP B 99 1.11 -24.51 -0.42
CA ASP B 99 0.00 -24.14 -1.30
C ASP B 99 0.50 -23.45 -2.56
N THR B 100 0.15 -23.98 -3.73
CA THR B 100 0.49 -23.29 -4.98
C THR B 100 -0.75 -22.80 -5.72
N ASP B 101 -1.89 -22.82 -5.03
CA ASP B 101 -3.15 -22.38 -5.61
C ASP B 101 -3.70 -21.16 -4.89
N GLY B 102 -3.76 -21.22 -3.56
CA GLY B 102 -4.24 -20.11 -2.74
C GLY B 102 -5.46 -20.44 -1.91
N HIS B 103 -6.37 -21.20 -2.49
CA HIS B 103 -7.61 -21.60 -1.83
C HIS B 103 -7.36 -22.08 -0.40
N GLY B 104 -6.35 -22.95 -0.25
CA GLY B 104 -6.05 -23.54 1.04
C GLY B 104 -5.55 -22.55 2.07
N THR B 105 -4.75 -21.60 1.60
CA THR B 105 -4.20 -20.58 2.49
C THR B 105 -5.32 -19.65 2.94
N HIS B 106 -6.16 -19.26 2.01
CA HIS B 106 -7.27 -18.37 2.29
C HIS B 106 -8.18 -19.01 3.34
N CYS B 107 -8.60 -20.25 3.10
CA CYS B 107 -9.50 -20.93 4.02
C CYS B 107 -8.88 -21.07 5.41
N ALA B 108 -7.60 -21.43 5.46
CA ALA B 108 -6.93 -21.63 6.74
C ALA B 108 -6.94 -20.35 7.58
N SER B 109 -6.61 -19.22 6.98
CA SER B 109 -6.55 -17.96 7.73
C SER B 109 -7.93 -17.49 8.18
N ILE B 110 -8.94 -17.69 7.33
CA ILE B 110 -10.30 -17.36 7.70
C ILE B 110 -10.75 -18.09 8.96
N THR B 111 -10.36 -19.35 9.08
CA THR B 111 -10.85 -20.16 10.18
C THR B 111 -10.05 -19.92 11.46
N ALA B 112 -8.74 -19.76 11.33
CA ALA B 112 -7.91 -19.62 12.52
C ALA B 112 -6.67 -18.76 12.27
N GLY B 113 -6.76 -17.83 11.32
CA GLY B 113 -5.68 -16.89 11.10
C GLY B 113 -5.35 -16.09 12.36
N ASN B 114 -4.06 -15.91 12.62
CA ASN B 114 -3.63 -15.13 13.77
C ASN B 114 -3.72 -13.65 13.43
N PHE B 115 -3.81 -12.79 14.45
CA PHE B 115 -3.88 -11.36 14.22
C PHE B 115 -2.75 -10.90 13.32
N ALA B 116 -3.08 -10.19 12.26
CA ALA B 116 -2.08 -9.67 11.34
C ALA B 116 -2.35 -8.19 11.06
N LYS B 117 -1.45 -7.35 11.55
CA LYS B 117 -1.57 -5.88 11.44
C LYS B 117 -1.39 -5.35 10.02
N GLY B 118 -2.12 -4.29 9.70
CA GLY B 118 -1.86 -3.50 8.51
C GLY B 118 -1.95 -4.18 7.17
N VAL B 119 -2.95 -5.04 7.00
CA VAL B 119 -3.11 -5.74 5.74
C VAL B 119 -4.32 -5.17 5.00
N SER B 120 -4.41 -5.43 3.70
CA SER B 120 -5.57 -5.04 2.93
C SER B 120 -5.58 -5.73 1.56
N HIS B 121 -6.64 -5.51 0.79
CA HIS B 121 -6.68 -5.99 -0.59
C HIS B 121 -6.44 -4.78 -1.51
N PHE B 122 -5.17 -4.51 -1.78
CA PHE B 122 -4.81 -3.33 -2.57
C PHE B 122 -5.48 -2.07 -2.06
N GLY B 123 -5.44 -1.86 -0.75
CA GLY B 123 -6.01 -0.67 -0.15
C GLY B 123 -7.43 -0.84 0.36
N TYR B 124 -8.14 -1.84 -0.16
CA TYR B 124 -9.51 -2.08 0.29
C TYR B 124 -9.53 -2.99 1.51
N ALA B 125 -10.55 -2.82 2.34
CA ALA B 125 -10.75 -3.66 3.52
C ALA B 125 -9.50 -3.70 4.41
N PRO B 126 -8.88 -2.54 4.62
CA PRO B 126 -7.67 -2.49 5.43
C PRO B 126 -7.99 -2.72 6.89
N GLY B 127 -6.99 -3.15 7.65
CA GLY B 127 -7.14 -3.36 9.09
C GLY B 127 -6.27 -4.51 9.58
N THR B 128 -6.67 -5.10 10.70
CA THR B 128 -6.03 -6.31 11.22
C THR B 128 -6.83 -7.54 10.84
N ALA B 129 -6.19 -8.48 10.17
CA ALA B 129 -6.84 -9.74 9.79
C ALA B 129 -6.73 -10.75 10.94
N ARG B 130 -7.78 -11.55 11.10
CA ARG B 130 -7.74 -12.66 12.04
C ARG B 130 -8.82 -13.67 11.74
N GLY B 131 -8.56 -14.93 12.08
CA GLY B 131 -9.54 -15.98 11.87
C GLY B 131 -10.72 -15.73 12.80
N VAL B 132 -11.83 -16.39 12.51
CA VAL B 132 -12.99 -16.28 13.38
C VAL B 132 -12.61 -16.79 14.75
N ALA B 133 -11.59 -17.65 14.79
CA ALA B 133 -11.02 -18.15 16.03
C ALA B 133 -9.51 -17.95 16.00
N PRO B 134 -9.07 -16.73 16.39
CA PRO B 134 -7.68 -16.28 16.25
C PRO B 134 -6.62 -17.13 16.97
N ARG B 135 -7.00 -17.94 17.95
CA ARG B 135 -5.99 -18.75 18.65
C ARG B 135 -6.18 -20.26 18.47
N ALA B 136 -7.10 -20.65 17.59
CA ALA B 136 -7.29 -22.05 17.30
C ALA B 136 -6.04 -22.61 16.62
N ARG B 137 -5.77 -23.89 16.85
CA ARG B 137 -4.61 -24.55 16.26
C ARG B 137 -4.95 -25.01 14.86
N LEU B 138 -3.98 -24.94 13.95
CA LEU B 138 -4.18 -25.32 12.57
C LEU B 138 -3.51 -26.64 12.23
N ALA B 139 -4.28 -27.55 11.65
CA ALA B 139 -3.73 -28.78 11.11
C ALA B 139 -4.05 -28.87 9.62
N VAL B 140 -3.02 -28.75 8.78
CA VAL B 140 -3.24 -28.75 7.34
C VAL B 140 -3.12 -30.14 6.72
N TYR B 141 -4.09 -30.47 5.88
CA TYR B 141 -4.09 -31.73 5.16
C TYR B 141 -4.35 -31.44 3.69
N LYS B 142 -3.31 -31.53 2.88
CA LYS B 142 -3.42 -31.19 1.47
C LYS B 142 -3.71 -32.41 0.61
N PHE B 143 -4.84 -32.38 -0.08
CA PHE B 143 -5.21 -33.46 -0.99
C PHE B 143 -5.37 -32.92 -2.40
N SER B 144 -5.32 -31.60 -2.55
CA SER B 144 -5.52 -30.97 -3.85
C SER B 144 -4.19 -30.43 -4.38
N PHE B 145 -3.78 -30.94 -5.54
CA PHE B 145 -2.50 -30.58 -6.14
C PHE B 145 -2.74 -30.02 -7.53
N ASN B 146 -1.86 -29.15 -7.99
CA ASN B 146 -2.00 -28.63 -9.34
C ASN B 146 -2.18 -29.76 -10.35
N GLU B 147 -1.48 -30.88 -10.12
CA GLU B 147 -1.48 -31.99 -11.07
C GLU B 147 -2.69 -32.89 -10.94
N GLY B 148 -3.54 -32.63 -9.94
CA GLY B 148 -4.77 -33.39 -9.80
C GLY B 148 -5.36 -33.40 -8.41
N THR B 149 -6.66 -33.69 -8.35
CA THR B 149 -7.37 -33.84 -7.09
C THR B 149 -8.10 -35.18 -7.13
N PHE B 150 -7.82 -36.04 -6.16
CA PHE B 150 -8.40 -37.38 -6.18
C PHE B 150 -9.26 -37.68 -4.97
N THR B 151 -10.48 -38.11 -5.26
CA THR B 151 -11.43 -38.57 -4.26
C THR B 151 -10.77 -39.36 -3.14
N SER B 152 -10.01 -40.39 -3.50
CA SER B 152 -9.41 -41.27 -2.49
C SER B 152 -8.41 -40.52 -1.61
N ASP B 153 -7.70 -39.56 -2.20
CA ASP B 153 -6.77 -38.72 -1.46
C ASP B 153 -7.52 -37.85 -0.46
N LEU B 154 -8.64 -37.32 -0.91
CA LEU B 154 -9.54 -36.57 -0.04
C LEU B 154 -9.93 -37.40 1.17
N ILE B 155 -10.42 -38.60 0.92
CA ILE B 155 -10.85 -39.51 1.99
C ILE B 155 -9.68 -39.85 2.90
N ALA B 156 -8.53 -40.12 2.30
CA ALA B 156 -7.34 -40.46 3.08
C ALA B 156 -6.95 -39.30 3.99
N ALA B 157 -7.14 -38.08 3.49
CA ALA B 157 -6.84 -36.88 4.27
C ALA B 157 -7.78 -36.74 5.46
N MET B 158 -9.08 -36.84 5.20
CA MET B 158 -10.06 -36.77 6.28
C MET B 158 -9.80 -37.83 7.35
N ASP B 159 -9.63 -39.07 6.92
CA ASP B 159 -9.42 -40.17 7.85
C ASP B 159 -8.20 -39.90 8.70
N GLN B 160 -7.14 -39.40 8.09
CA GLN B 160 -5.92 -39.10 8.82
C GLN B 160 -6.18 -38.01 9.85
N ALA B 161 -7.01 -37.04 9.49
CA ALA B 161 -7.31 -35.94 10.38
C ALA B 161 -8.09 -36.42 11.60
N VAL B 162 -9.13 -37.21 11.35
CA VAL B 162 -9.91 -37.79 12.43
C VAL B 162 -8.99 -38.62 13.32
N ALA B 163 -8.16 -39.45 12.69
CA ALA B 163 -7.22 -40.29 13.39
C ALA B 163 -6.26 -39.47 14.23
N ASP B 164 -5.95 -38.26 13.79
CA ASP B 164 -5.02 -37.39 14.49
C ASP B 164 -5.64 -36.75 15.75
N GLY B 165 -6.96 -36.89 15.89
CA GLY B 165 -7.65 -36.33 17.07
C GLY B 165 -8.03 -34.88 16.91
N VAL B 166 -8.24 -34.46 15.68
CA VAL B 166 -8.72 -33.12 15.36
C VAL B 166 -10.09 -32.86 15.99
N ASP B 167 -10.33 -31.62 16.42
CA ASP B 167 -11.59 -31.26 17.06
C ASP B 167 -12.68 -30.92 16.04
N MET B 168 -12.28 -30.34 14.91
CA MET B 168 -13.22 -29.97 13.87
C MET B 168 -12.55 -30.11 12.52
N ILE B 169 -13.36 -30.28 11.49
CA ILE B 169 -12.84 -30.37 10.13
C ILE B 169 -13.51 -29.34 9.24
N SER B 170 -12.70 -28.64 8.46
CA SER B 170 -13.21 -27.68 7.52
C SER B 170 -12.84 -28.10 6.10
N ILE B 171 -13.83 -28.22 5.23
CA ILE B 171 -13.58 -28.59 3.85
C ILE B 171 -14.45 -27.79 2.88
N SER B 172 -13.78 -27.03 2.02
CA SER B 172 -14.46 -26.19 1.05
C SER B 172 -14.40 -26.81 -0.33
N TYR B 173 -14.96 -28.01 -0.45
CA TYR B 173 -15.05 -28.70 -1.71
C TYR B 173 -16.37 -29.43 -1.76
N GLY B 174 -16.85 -29.72 -2.96
CA GLY B 174 -18.10 -30.45 -3.10
C GLY B 174 -18.23 -31.08 -4.46
N TYR B 175 -18.90 -32.24 -4.50
CA TYR B 175 -19.19 -32.92 -5.74
C TYR B 175 -20.69 -33.13 -5.88
N ARG B 176 -21.18 -33.06 -7.11
CA ARG B 176 -22.60 -33.21 -7.36
C ARG B 176 -22.90 -34.40 -8.26
N PHE B 177 -24.18 -34.79 -8.32
CA PHE B 177 -24.65 -35.81 -9.24
C PHE B 177 -24.30 -37.25 -8.85
N ILE B 178 -24.02 -37.49 -7.58
CA ILE B 178 -23.70 -38.85 -7.15
C ILE B 178 -24.39 -39.25 -5.85
N PRO B 179 -24.85 -40.50 -5.79
CA PRO B 179 -25.49 -41.08 -4.60
C PRO B 179 -24.52 -41.16 -3.44
N LEU B 180 -25.05 -41.18 -2.23
CA LEU B 180 -24.25 -41.16 -1.01
C LEU B 180 -23.07 -42.13 -1.02
N TYR B 181 -23.30 -43.34 -1.52
CA TYR B 181 -22.28 -44.39 -1.47
C TYR B 181 -21.20 -44.18 -2.54
N GLU B 182 -21.28 -43.07 -3.25
CA GLU B 182 -20.23 -42.68 -4.16
C GLU B 182 -19.74 -41.28 -3.83
N ASP B 183 -20.29 -40.71 -2.76
CA ASP B 183 -19.97 -39.34 -2.36
C ASP B 183 -18.82 -39.32 -1.35
N ALA B 184 -17.63 -38.99 -1.85
CA ALA B 184 -16.40 -39.03 -1.06
C ALA B 184 -16.49 -38.27 0.26
N ILE B 185 -16.85 -37.00 0.20
CA ILE B 185 -16.92 -36.17 1.40
C ILE B 185 -17.94 -36.70 2.40
N SER B 186 -19.05 -37.22 1.90
CA SER B 186 -20.08 -37.79 2.77
C SER B 186 -19.58 -39.05 3.48
N ILE B 187 -18.99 -39.97 2.71
CA ILE B 187 -18.45 -41.19 3.27
C ILE B 187 -17.50 -40.89 4.42
N ALA B 188 -16.54 -40.01 4.16
CA ALA B 188 -15.55 -39.64 5.16
C ALA B 188 -16.20 -38.91 6.33
N SER B 189 -17.18 -38.07 6.04
CA SER B 189 -17.84 -37.30 7.10
C SER B 189 -18.58 -38.21 8.07
N PHE B 190 -19.28 -39.20 7.54
CA PHE B 190 -19.92 -40.20 8.37
C PHE B 190 -18.93 -40.76 9.40
N GLY B 191 -17.73 -41.10 8.92
CA GLY B 191 -16.68 -41.59 9.80
C GLY B 191 -16.30 -40.56 10.84
N ALA B 192 -16.13 -39.31 10.41
CA ALA B 192 -15.80 -38.22 11.32
C ALA B 192 -16.88 -38.06 12.39
N MET B 193 -18.13 -38.05 11.95
CA MET B 193 -19.23 -37.92 12.89
C MET B 193 -19.27 -39.07 13.89
N MET B 194 -19.05 -40.28 13.39
CA MET B 194 -19.04 -41.47 14.24
C MET B 194 -18.03 -41.31 15.38
N LYS B 195 -17.01 -40.49 15.16
CA LYS B 195 -15.95 -40.33 16.15
C LYS B 195 -15.95 -38.96 16.81
N GLY B 196 -17.09 -38.30 16.78
CA GLY B 196 -17.29 -37.05 17.52
C GLY B 196 -16.65 -35.81 16.90
N VAL B 197 -16.30 -35.89 15.62
CA VAL B 197 -15.73 -34.74 14.92
C VAL B 197 -16.71 -34.15 13.92
N LEU B 198 -17.10 -32.89 14.12
CA LEU B 198 -18.02 -32.24 13.19
C LEU B 198 -17.31 -31.75 11.93
N VAL B 199 -17.97 -31.89 10.79
CA VAL B 199 -17.41 -31.46 9.53
C VAL B 199 -18.21 -30.28 8.99
N SER B 200 -17.51 -29.20 8.69
CA SER B 200 -18.13 -28.05 8.05
C SER B 200 -17.76 -28.07 6.60
N ALA B 201 -18.77 -28.02 5.74
CA ALA B 201 -18.53 -28.04 4.30
C ALA B 201 -19.37 -26.98 3.61
N SER B 202 -18.88 -26.50 2.47
CA SER B 202 -19.61 -25.50 1.71
C SER B 202 -20.79 -26.11 0.97
N ALA B 203 -21.87 -25.33 0.86
CA ALA B 203 -23.06 -25.76 0.16
C ALA B 203 -22.87 -25.73 -1.36
N GLY B 204 -21.82 -25.08 -1.83
CA GLY B 204 -21.57 -24.98 -3.26
C GLY B 204 -22.03 -23.66 -3.85
N ASN B 205 -21.62 -23.38 -5.07
CA ASN B 205 -21.92 -22.09 -5.69
C ASN B 205 -22.68 -22.19 -7.01
N ARG B 206 -23.53 -23.20 -7.12
CA ARG B 206 -24.34 -23.36 -8.33
C ARG B 206 -25.77 -22.90 -8.12
N GLY B 207 -25.99 -22.09 -7.09
CA GLY B 207 -27.30 -21.48 -6.86
C GLY B 207 -27.63 -20.62 -8.06
N PRO B 208 -28.87 -20.09 -8.13
CA PRO B 208 -29.89 -20.22 -7.10
C PRO B 208 -30.96 -21.29 -7.39
N GLY B 209 -30.78 -22.09 -8.43
CA GLY B 209 -31.76 -23.11 -8.77
C GLY B 209 -31.99 -24.08 -7.64
N ILE B 210 -33.18 -24.65 -7.60
CA ILE B 210 -33.57 -25.58 -6.53
C ILE B 210 -32.73 -26.85 -6.49
N GLY B 211 -32.46 -27.35 -5.30
CA GLY B 211 -31.71 -28.59 -5.13
C GLY B 211 -30.36 -28.57 -5.83
N SER B 212 -29.70 -27.42 -5.78
CA SER B 212 -28.43 -27.25 -6.46
C SER B 212 -27.23 -27.45 -5.54
N LEU B 213 -27.47 -27.67 -4.26
CA LEU B 213 -26.35 -27.76 -3.31
C LEU B 213 -25.66 -29.12 -3.31
N ASN B 214 -24.47 -29.16 -2.75
CA ASN B 214 -23.79 -30.41 -2.47
C ASN B 214 -23.44 -30.46 -0.99
N ASN B 215 -22.85 -31.57 -0.56
CA ASN B 215 -22.56 -31.78 0.85
C ASN B 215 -23.82 -31.72 1.73
N GLY B 216 -24.96 -31.99 1.13
CA GLY B 216 -26.22 -31.98 1.87
C GLY B 216 -26.49 -33.29 2.59
N SER B 217 -25.60 -33.67 3.49
CA SER B 217 -25.73 -34.91 4.24
C SER B 217 -26.03 -34.63 5.72
N PRO B 218 -26.88 -35.48 6.32
CA PRO B 218 -27.34 -35.33 7.68
C PRO B 218 -26.18 -35.24 8.68
N TRP B 219 -25.03 -35.83 8.35
CA TRP B 219 -23.90 -35.85 9.26
C TRP B 219 -22.85 -34.80 8.89
N ILE B 220 -23.29 -33.75 8.20
CA ILE B 220 -22.41 -32.67 7.80
C ILE B 220 -23.04 -31.33 8.17
N LEU B 221 -22.23 -30.37 8.59
CA LEU B 221 -22.72 -29.00 8.75
C LEU B 221 -22.57 -28.29 7.42
N CYS B 222 -23.69 -28.11 6.73
CA CYS B 222 -23.71 -27.60 5.36
C CYS B 222 -23.93 -26.08 5.36
N VAL B 223 -22.91 -25.34 4.92
CA VAL B 223 -22.87 -23.88 5.06
C VAL B 223 -23.16 -23.07 3.79
N ALA B 224 -24.09 -22.12 3.89
CA ALA B 224 -24.40 -21.22 2.78
C ALA B 224 -23.68 -19.86 2.95
N SER B 225 -23.64 -19.08 1.87
CA SER B 225 -22.85 -17.84 1.86
C SER B 225 -23.68 -16.55 1.84
N GLY B 226 -23.36 -15.65 2.76
CA GLY B 226 -24.04 -14.36 2.85
C GLY B 226 -23.13 -13.17 2.58
N HIS B 227 -23.71 -12.07 2.12
CA HIS B 227 -23.00 -10.80 2.02
C HIS B 227 -22.87 -10.27 3.42
N THR B 228 -21.85 -9.44 3.66
CA THR B 228 -21.76 -8.71 4.91
C THR B 228 -22.26 -7.30 4.69
N ASP B 229 -21.96 -6.42 5.62
CA ASP B 229 -22.38 -5.02 5.52
C ASP B 229 -21.26 -4.14 4.97
N ARG B 230 -20.24 -4.78 4.40
CA ARG B 230 -19.11 -4.06 3.84
C ARG B 230 -19.30 -3.74 2.36
N THR B 231 -18.85 -2.56 1.95
CA THR B 231 -18.90 -2.20 0.55
C THR B 231 -17.65 -1.42 0.15
N PHE B 232 -17.35 -1.39 -1.14
CA PHE B 232 -16.12 -0.79 -1.64
C PHE B 232 -16.44 0.28 -2.65
N ALA B 233 -15.85 1.46 -2.49
CA ALA B 233 -16.36 2.61 -3.21
C ALA B 233 -15.38 3.30 -4.13
N GLY B 234 -15.90 3.63 -5.31
CA GLY B 234 -15.43 4.72 -6.09
C GLY B 234 -16.53 5.76 -5.92
N THR B 235 -16.30 6.72 -5.03
CA THR B 235 -17.21 7.84 -4.90
C THR B 235 -17.21 8.62 -6.21
N LEU B 236 -18.39 8.83 -6.77
CA LEU B 236 -18.52 9.55 -8.01
C LEU B 236 -19.07 10.96 -7.77
N THR B 237 -18.31 11.98 -8.16
CA THR B 237 -18.77 13.34 -8.08
C THR B 237 -18.83 13.97 -9.47
N LEU B 238 -19.97 14.52 -9.83
CA LEU B 238 -20.15 15.15 -11.13
C LEU B 238 -19.78 16.63 -11.06
N GLY B 239 -19.62 17.23 -12.23
CA GLY B 239 -19.26 18.65 -12.31
C GLY B 239 -20.30 19.56 -11.68
N ASN B 240 -21.49 19.05 -11.42
CA ASN B 240 -22.56 19.86 -10.87
C ASN B 240 -22.71 19.69 -9.38
N GLY B 241 -21.75 19.02 -8.75
CA GLY B 241 -21.77 18.80 -7.32
C GLY B 241 -22.40 17.48 -6.87
N LEU B 242 -23.12 16.82 -7.78
CA LEU B 242 -23.77 15.56 -7.44
C LEU B 242 -22.76 14.50 -7.01
N LYS B 243 -22.98 13.94 -5.83
CA LYS B 243 -22.06 12.98 -5.24
C LYS B 243 -22.71 11.62 -4.99
N ILE B 244 -22.15 10.58 -5.60
CA ILE B 244 -22.73 9.24 -5.55
C ILE B 244 -21.71 8.22 -5.07
N ARG B 245 -22.09 7.42 -4.07
CA ARG B 245 -21.22 6.36 -3.60
C ARG B 245 -21.47 5.09 -4.41
N GLY B 246 -20.78 4.96 -5.53
CA GLY B 246 -20.91 3.77 -6.40
C GLY B 246 -19.99 2.65 -5.96
N TRP B 247 -19.87 1.62 -6.79
CA TRP B 247 -19.07 0.47 -6.44
C TRP B 247 -17.82 0.39 -7.30
N SER B 248 -16.71 0.05 -6.67
CA SER B 248 -15.45 -0.08 -7.40
C SER B 248 -14.45 -0.89 -6.60
N LEU B 249 -13.61 -1.64 -7.32
CA LEU B 249 -12.54 -2.38 -6.67
C LEU B 249 -11.25 -2.26 -7.47
N PHE B 250 -11.14 -1.20 -8.27
CA PHE B 250 -9.88 -0.94 -8.96
C PHE B 250 -8.74 -0.94 -7.94
N PRO B 251 -7.71 -1.77 -8.18
CA PRO B 251 -6.68 -2.07 -7.20
C PRO B 251 -5.53 -1.06 -7.13
N ALA B 252 -5.83 0.23 -7.24
CA ALA B 252 -4.82 1.26 -7.05
C ALA B 252 -5.48 2.62 -6.91
N ARG B 253 -4.71 3.59 -6.40
CA ARG B 253 -5.26 4.92 -6.16
C ARG B 253 -5.28 5.74 -7.44
N ALA B 254 -6.14 5.35 -8.38
CA ALA B 254 -6.24 6.05 -9.64
C ALA B 254 -6.62 7.51 -9.40
N PHE B 255 -6.15 8.36 -10.30
CA PHE B 255 -6.43 9.79 -10.22
C PHE B 255 -7.30 10.17 -11.40
N VAL B 256 -8.59 10.32 -11.14
CA VAL B 256 -9.52 10.78 -12.15
C VAL B 256 -10.33 11.94 -11.61
N ARG B 257 -10.00 13.13 -12.06
CA ARG B 257 -10.55 14.35 -11.48
C ARG B 257 -10.97 15.30 -12.58
N ASP B 258 -12.18 15.85 -12.46
CA ASP B 258 -12.70 16.79 -13.45
C ASP B 258 -12.44 16.35 -14.88
N SER B 259 -12.71 15.08 -15.19
CA SER B 259 -12.54 14.59 -16.55
C SER B 259 -13.84 14.63 -17.33
N PRO B 260 -13.74 14.87 -18.65
CA PRO B 260 -14.88 14.93 -19.57
C PRO B 260 -15.66 13.62 -19.57
N VAL B 261 -16.98 13.70 -19.40
CA VAL B 261 -17.83 12.52 -19.47
C VAL B 261 -18.69 12.55 -20.71
N ILE B 262 -18.80 11.41 -21.39
CA ILE B 262 -19.67 11.33 -22.56
C ILE B 262 -20.72 10.22 -22.45
N TYR B 263 -21.91 10.50 -22.97
CA TYR B 263 -22.95 9.48 -23.07
C TYR B 263 -23.49 9.42 -24.48
N ASN B 264 -23.13 8.36 -25.20
CA ASN B 264 -23.47 8.26 -26.60
C ASN B 264 -24.12 6.93 -26.95
N LYS B 265 -25.44 6.95 -27.10
CA LYS B 265 -26.22 5.75 -27.40
C LYS B 265 -25.62 4.82 -28.45
N THR B 266 -24.89 5.38 -29.42
CA THR B 266 -24.30 4.55 -30.46
C THR B 266 -23.27 3.58 -29.89
N LEU B 267 -22.66 3.96 -28.78
CA LEU B 267 -21.63 3.12 -28.17
C LEU B 267 -21.93 2.81 -26.71
N SER B 268 -22.94 3.49 -26.17
CA SER B 268 -23.36 3.34 -24.79
C SER B 268 -23.50 1.88 -24.36
N ASP B 269 -23.59 0.99 -25.33
CA ASP B 269 -23.70 -0.43 -25.08
C ASP B 269 -22.38 -0.97 -24.51
N CYS B 270 -21.28 -0.38 -24.95
CA CYS B 270 -19.94 -0.83 -24.53
C CYS B 270 -19.73 -2.28 -24.87
N SER B 271 -20.01 -2.64 -26.12
CA SER B 271 -19.85 -4.02 -26.57
C SER B 271 -19.03 -4.08 -27.86
N SER B 272 -18.79 -2.93 -28.46
CA SER B 272 -18.02 -2.85 -29.69
C SER B 272 -16.64 -2.25 -29.44
N GLU B 273 -15.60 -3.02 -29.73
CA GLU B 273 -14.24 -2.53 -29.63
C GLU B 273 -14.02 -1.41 -30.65
N GLU B 274 -14.49 -1.66 -31.87
CA GLU B 274 -14.34 -0.71 -32.95
C GLU B 274 -15.00 0.63 -32.60
N LEU B 275 -16.25 0.57 -32.16
CA LEU B 275 -16.96 1.78 -31.78
C LEU B 275 -16.20 2.57 -30.73
N LEU B 276 -15.87 1.92 -29.62
CA LEU B 276 -15.14 2.57 -28.55
C LEU B 276 -13.84 3.16 -29.05
N SER B 277 -13.22 2.49 -30.03
CA SER B 277 -11.95 2.97 -30.56
C SER B 277 -12.14 4.25 -31.36
N GLN B 278 -13.39 4.70 -31.45
CA GLN B 278 -13.71 5.89 -32.24
C GLN B 278 -13.86 7.13 -31.38
N VAL B 279 -13.82 6.97 -30.06
CA VAL B 279 -13.85 8.12 -29.17
C VAL B 279 -12.45 8.72 -29.05
N GLU B 280 -12.31 9.96 -29.48
CA GLU B 280 -11.02 10.65 -29.45
C GLU B 280 -10.56 10.89 -28.01
N ASN B 281 -9.25 11.04 -27.84
CA ASN B 281 -8.69 11.28 -26.52
C ASN B 281 -9.27 10.32 -25.50
N PRO B 282 -9.29 9.03 -25.83
CA PRO B 282 -9.83 8.00 -24.95
C PRO B 282 -9.17 8.03 -23.57
N GLU B 283 -7.93 8.47 -23.52
CA GLU B 283 -7.15 8.40 -22.30
C GLU B 283 -7.52 9.48 -21.31
N ASN B 284 -8.26 10.49 -21.76
CA ASN B 284 -8.70 11.55 -20.86
C ASN B 284 -10.22 11.66 -20.77
N THR B 285 -10.92 10.68 -21.30
CA THR B 285 -12.38 10.75 -21.32
C THR B 285 -13.07 9.59 -20.58
N ILE B 286 -14.19 9.92 -19.93
CA ILE B 286 -14.99 8.93 -19.23
C ILE B 286 -16.24 8.59 -20.04
N VAL B 287 -16.46 7.31 -20.27
CA VAL B 287 -17.62 6.87 -21.05
C VAL B 287 -18.64 6.20 -20.16
N ILE B 288 -19.92 6.44 -20.44
CA ILE B 288 -20.99 5.82 -19.69
C ILE B 288 -21.48 4.55 -20.38
N CYS B 289 -21.63 3.47 -19.62
CA CYS B 289 -22.08 2.19 -20.17
C CYS B 289 -23.47 1.83 -19.68
N ASP B 290 -24.40 1.63 -20.63
CA ASP B 290 -25.75 1.20 -20.31
C ASP B 290 -25.76 -0.19 -19.72
N ASP B 291 -26.79 -0.50 -18.95
CA ASP B 291 -26.97 -1.84 -18.42
C ASP B 291 -27.40 -2.80 -19.52
N ASN B 292 -26.53 -3.74 -19.86
CA ASN B 292 -26.82 -4.68 -20.92
C ASN B 292 -26.70 -6.13 -20.44
N GLY B 293 -26.71 -6.31 -19.12
CA GLY B 293 -26.68 -7.64 -18.53
C GLY B 293 -25.33 -8.36 -18.57
N ASP B 294 -24.32 -7.73 -19.17
CA ASP B 294 -22.99 -8.34 -19.22
C ASP B 294 -21.88 -7.35 -18.86
N PHE B 295 -21.81 -7.00 -17.59
CA PHE B 295 -20.85 -6.04 -17.08
C PHE B 295 -19.41 -6.43 -17.37
N SER B 296 -19.05 -7.66 -17.06
CA SER B 296 -17.67 -8.10 -17.20
C SER B 296 -17.17 -8.03 -18.65
N ASP B 297 -18.09 -8.08 -19.59
CA ASP B 297 -17.69 -7.89 -20.99
C ASP B 297 -17.47 -6.41 -21.27
N GLN B 298 -18.32 -5.57 -20.70
CA GLN B 298 -18.15 -4.13 -20.81
C GLN B 298 -16.78 -3.72 -20.25
N MET B 299 -16.45 -4.26 -19.08
CA MET B 299 -15.20 -3.93 -18.41
C MET B 299 -14.03 -4.34 -19.28
N ARG B 300 -14.18 -5.46 -19.99
CA ARG B 300 -13.12 -5.97 -20.84
C ARG B 300 -12.91 -5.07 -22.04
N ILE B 301 -14.02 -4.68 -22.67
CA ILE B 301 -13.97 -3.77 -23.81
C ILE B 301 -13.41 -2.42 -23.41
N ILE B 302 -13.81 -1.94 -22.23
CA ILE B 302 -13.32 -0.67 -21.71
C ILE B 302 -11.82 -0.76 -21.44
N THR B 303 -11.41 -1.82 -20.74
CA THR B 303 -10.02 -2.00 -20.40
C THR B 303 -9.15 -2.06 -21.66
N ARG B 304 -9.62 -2.79 -22.66
CA ARG B 304 -8.88 -2.94 -23.90
C ARG B 304 -8.75 -1.60 -24.64
N ALA B 305 -9.76 -0.75 -24.50
CA ALA B 305 -9.78 0.54 -25.20
C ALA B 305 -9.03 1.64 -24.45
N ARG B 306 -8.63 1.39 -23.21
CA ARG B 306 -7.78 2.32 -22.47
C ARG B 306 -8.44 3.66 -22.19
N LEU B 307 -9.70 3.61 -21.80
CA LEU B 307 -10.41 4.81 -21.40
C LEU B 307 -9.93 5.26 -20.02
N LYS B 308 -9.99 6.56 -19.77
CA LYS B 308 -9.66 7.10 -18.46
C LYS B 308 -10.41 6.28 -17.43
N ALA B 309 -11.72 6.18 -17.63
CA ALA B 309 -12.60 5.42 -16.76
C ALA B 309 -13.92 5.17 -17.45
N ALA B 310 -14.79 4.41 -16.79
CA ALA B 310 -16.13 4.18 -17.29
C ALA B 310 -17.10 4.19 -16.13
N ILE B 311 -18.30 4.71 -16.36
CA ILE B 311 -19.37 4.60 -15.39
C ILE B 311 -20.35 3.53 -15.87
N PHE B 312 -20.42 2.44 -15.11
CA PHE B 312 -21.28 1.32 -15.48
C PHE B 312 -22.59 1.38 -14.75
N ILE B 313 -23.69 1.29 -15.50
CA ILE B 313 -25.00 1.15 -14.89
C ILE B 313 -25.35 -0.32 -14.78
N SER B 314 -25.50 -0.80 -13.55
CA SER B 314 -25.74 -2.22 -13.33
C SER B 314 -26.14 -2.54 -11.89
N GLU B 315 -27.06 -3.48 -11.75
CA GLU B 315 -27.49 -3.95 -10.45
C GLU B 315 -27.36 -5.46 -10.39
N ASP B 316 -26.71 -6.02 -11.40
CA ASP B 316 -26.44 -7.45 -11.47
C ASP B 316 -25.58 -7.92 -10.29
N PRO B 317 -26.11 -8.84 -9.49
CA PRO B 317 -25.42 -9.35 -8.30
C PRO B 317 -24.05 -9.93 -8.61
N GLY B 318 -23.85 -10.37 -9.86
CA GLY B 318 -22.56 -10.93 -10.25
C GLY B 318 -21.46 -9.91 -10.03
N VAL B 319 -21.77 -8.64 -10.26
CA VAL B 319 -20.80 -7.56 -10.13
C VAL B 319 -20.24 -7.42 -8.72
N PHE B 320 -21.06 -7.67 -7.71
CA PHE B 320 -20.71 -7.39 -6.33
C PHE B 320 -20.06 -8.55 -5.61
N ARG B 321 -19.68 -9.57 -6.36
CA ARG B 321 -19.03 -10.74 -5.78
C ARG B 321 -17.62 -10.87 -6.34
N SER B 322 -17.28 -10.01 -7.29
CA SER B 322 -16.01 -10.11 -8.01
C SER B 322 -15.01 -9.03 -7.62
N ALA B 323 -13.73 -9.38 -7.62
CA ALA B 323 -12.66 -8.42 -7.38
C ALA B 323 -11.96 -8.04 -8.69
N THR B 324 -12.50 -8.50 -9.80
CA THR B 324 -11.92 -8.21 -11.10
C THR B 324 -12.32 -6.82 -11.58
N PHE B 325 -11.41 -5.87 -11.46
CA PHE B 325 -11.68 -4.48 -11.80
C PHE B 325 -10.42 -3.81 -12.34
N PRO B 326 -9.96 -4.26 -13.52
CA PRO B 326 -8.66 -3.90 -14.10
C PRO B 326 -8.58 -2.48 -14.65
N ASN B 327 -9.69 -1.75 -14.66
CA ASN B 327 -9.70 -0.39 -15.17
C ASN B 327 -10.52 0.52 -14.28
N PRO B 328 -10.04 1.74 -14.04
CA PRO B 328 -10.80 2.67 -13.21
C PRO B 328 -12.21 2.79 -13.72
N GLY B 329 -13.16 2.86 -12.80
CA GLY B 329 -14.57 2.99 -13.16
C GLY B 329 -15.42 2.80 -11.92
N VAL B 330 -16.71 3.11 -12.06
CA VAL B 330 -17.66 2.94 -10.98
C VAL B 330 -18.88 2.21 -11.53
N VAL B 331 -19.56 1.48 -10.65
CA VAL B 331 -20.82 0.87 -11.00
C VAL B 331 -21.91 1.57 -10.22
N VAL B 332 -22.96 2.01 -10.91
CA VAL B 332 -24.08 2.66 -10.24
C VAL B 332 -25.38 1.93 -10.55
N ASN B 333 -26.36 2.07 -9.66
CA ASN B 333 -27.66 1.48 -9.89
C ASN B 333 -28.46 2.23 -10.95
N LYS B 334 -29.67 1.75 -11.23
CA LYS B 334 -30.49 2.31 -12.31
C LYS B 334 -30.92 3.76 -12.09
N LYS B 335 -31.38 4.07 -10.88
CA LYS B 335 -31.79 5.43 -10.59
C LYS B 335 -30.62 6.39 -10.78
N GLU B 336 -29.56 6.15 -10.02
CA GLU B 336 -28.32 6.92 -10.12
C GLU B 336 -27.85 7.06 -11.55
N GLY B 337 -27.96 5.98 -12.31
CA GLY B 337 -27.57 5.99 -13.72
C GLY B 337 -28.38 7.00 -14.52
N LYS B 338 -29.60 7.27 -14.06
CA LYS B 338 -30.43 8.27 -14.72
C LYS B 338 -29.96 9.68 -14.40
N GLN B 339 -29.69 9.93 -13.12
CA GLN B 339 -29.14 11.19 -12.68
C GLN B 339 -27.89 11.56 -13.50
N VAL B 340 -26.97 10.62 -13.61
CA VAL B 340 -25.74 10.86 -14.34
C VAL B 340 -26.02 11.23 -15.80
N ILE B 341 -26.75 10.38 -16.50
CA ILE B 341 -27.05 10.63 -17.91
C ILE B 341 -27.72 11.98 -18.07
N ASN B 342 -28.62 12.30 -17.15
CA ASN B 342 -29.28 13.59 -17.19
C ASN B 342 -28.24 14.71 -17.18
N TYR B 343 -27.48 14.79 -16.09
CA TYR B 343 -26.41 15.77 -15.97
C TYR B 343 -25.65 15.91 -17.28
N VAL B 344 -25.33 14.79 -17.92
CA VAL B 344 -24.52 14.83 -19.13
C VAL B 344 -25.26 15.48 -20.29
N LYS B 345 -26.53 15.09 -20.49
CA LYS B 345 -27.30 15.60 -21.61
C LYS B 345 -27.59 17.10 -21.48
N ASN B 346 -27.76 17.56 -20.26
CA ASN B 346 -28.09 18.95 -20.01
C ASN B 346 -26.86 19.83 -19.82
N SER B 347 -25.74 19.41 -20.38
CA SER B 347 -24.49 20.15 -20.19
C SER B 347 -23.55 20.04 -21.38
N VAL B 348 -22.88 21.14 -21.68
CA VAL B 348 -21.68 21.10 -22.51
C VAL B 348 -20.54 21.17 -21.51
N THR B 349 -19.58 20.26 -21.63
CA THR B 349 -18.49 20.23 -20.66
C THR B 349 -18.89 19.55 -19.36
N PRO B 350 -19.64 18.44 -19.46
CA PRO B 350 -19.92 17.64 -18.27
C PRO B 350 -18.66 16.92 -17.81
N THR B 351 -18.39 16.94 -16.52
CA THR B 351 -17.17 16.32 -16.00
C THR B 351 -17.46 15.48 -14.77
N ALA B 352 -16.53 14.59 -14.46
CA ALA B 352 -16.68 13.70 -13.30
C ALA B 352 -15.36 13.43 -12.58
N THR B 353 -15.47 13.12 -11.29
CA THR B 353 -14.34 12.74 -10.48
C THR B 353 -14.69 11.45 -9.74
N ILE B 354 -13.75 10.51 -9.75
CA ILE B 354 -13.92 9.25 -9.04
C ILE B 354 -12.72 9.01 -8.17
N THR B 355 -12.94 8.64 -6.92
CA THR B 355 -11.85 8.22 -6.06
C THR B 355 -12.00 6.75 -5.70
N PHE B 356 -10.90 6.12 -5.32
CA PHE B 356 -10.88 4.68 -5.12
C PHE B 356 -10.33 4.29 -3.77
N GLN B 357 -10.26 2.99 -3.53
CA GLN B 357 -9.73 2.45 -2.30
C GLN B 357 -10.48 2.91 -1.06
N GLU B 358 -11.78 3.13 -1.20
CA GLU B 358 -12.63 3.43 -0.06
C GLU B 358 -13.41 2.19 0.35
N THR B 359 -13.57 1.99 1.65
CA THR B 359 -14.33 0.85 2.14
C THR B 359 -15.25 1.24 3.31
N TYR B 360 -16.53 0.91 3.17
CA TYR B 360 -17.54 1.32 4.15
C TYR B 360 -18.20 0.13 4.82
N LEU B 361 -18.59 0.32 6.07
CA LEU B 361 -19.24 -0.72 6.85
C LEU B 361 -20.66 -0.32 7.21
N THR B 363 -23.71 -0.80 5.20
CA THR B 363 -24.65 -1.34 4.24
C THR B 363 -25.88 -1.93 4.89
N LYS B 364 -27.04 -1.57 4.36
CA LYS B 364 -28.31 -2.14 4.76
C LYS B 364 -29.06 -2.51 3.49
N PRO B 365 -29.62 -3.73 3.45
CA PRO B 365 -29.65 -4.71 4.53
C PRO B 365 -28.47 -5.69 4.47
N ALA B 366 -28.17 -6.31 5.60
CA ALA B 366 -27.13 -7.33 5.67
C ALA B 366 -27.37 -8.20 6.89
N PRO B 367 -27.14 -9.52 6.77
CA PRO B 367 -26.61 -10.14 5.57
C PRO B 367 -27.67 -10.33 4.49
N VAL B 368 -27.24 -10.91 3.38
CA VAL B 368 -28.11 -11.27 2.27
C VAL B 368 -27.57 -12.57 1.71
N VAL B 369 -28.47 -13.47 1.31
CA VAL B 369 -28.02 -14.73 0.74
C VAL B 369 -27.51 -14.47 -0.68
N ALA B 370 -26.26 -14.85 -0.92
CA ALA B 370 -25.66 -14.70 -2.24
C ALA B 370 -26.48 -15.44 -3.31
N ALA B 371 -26.67 -14.79 -4.44
CA ALA B 371 -27.47 -15.38 -5.51
C ALA B 371 -26.95 -16.74 -5.96
N SER B 372 -25.65 -16.97 -5.81
CA SER B 372 -25.06 -18.20 -6.31
C SER B 372 -24.84 -19.27 -5.24
N SER B 373 -25.11 -18.93 -3.99
CA SER B 373 -25.09 -19.91 -2.92
C SER B 373 -26.09 -21.05 -3.23
N ALA B 374 -25.60 -22.27 -3.37
CA ALA B 374 -26.45 -23.40 -3.76
C ALA B 374 -27.63 -23.61 -2.81
N ARG B 375 -28.73 -24.15 -3.35
CA ARG B 375 -29.99 -24.23 -2.63
C ARG B 375 -30.49 -25.67 -2.37
N GLY B 376 -31.13 -25.86 -1.22
CA GLY B 376 -31.76 -27.13 -0.92
C GLY B 376 -32.99 -27.34 -1.81
N PRO B 377 -33.70 -28.46 -1.61
CA PRO B 377 -33.33 -29.49 -0.65
C PRO B 377 -32.22 -30.36 -1.21
N SER B 378 -31.64 -31.19 -0.36
CA SER B 378 -30.48 -31.99 -0.71
C SER B 378 -30.84 -33.16 -1.64
N ARG B 379 -30.27 -33.17 -2.83
CA ARG B 379 -30.49 -34.27 -3.76
C ARG B 379 -29.63 -35.47 -3.35
N SER B 380 -28.95 -35.33 -2.22
CA SER B 380 -28.26 -36.43 -1.59
C SER B 380 -29.21 -37.14 -0.65
N TYR B 381 -30.10 -36.36 -0.04
CA TYR B 381 -31.05 -36.87 0.92
C TYR B 381 -32.08 -35.79 1.19
N LEU B 382 -33.23 -35.89 0.52
CA LEU B 382 -34.27 -34.90 0.68
C LEU B 382 -34.76 -34.82 2.11
N GLY B 383 -34.70 -35.96 2.80
CA GLY B 383 -35.30 -36.10 4.12
C GLY B 383 -34.98 -35.00 5.13
N ILE B 384 -33.75 -34.51 5.10
CA ILE B 384 -33.33 -33.51 6.08
C ILE B 384 -32.96 -32.17 5.44
N SER B 385 -33.58 -31.11 5.93
CA SER B 385 -33.42 -29.77 5.35
C SER B 385 -31.96 -29.30 5.24
N LYS B 386 -31.63 -28.72 4.09
CA LYS B 386 -30.29 -28.19 3.82
C LYS B 386 -30.42 -26.97 2.93
N PRO B 387 -29.50 -26.00 3.08
CA PRO B 387 -28.36 -26.04 4.00
C PRO B 387 -28.74 -25.76 5.46
N ASP B 388 -27.77 -25.84 6.35
CA ASP B 388 -28.02 -25.72 7.78
C ASP B 388 -27.98 -24.28 8.26
N ILE B 389 -27.00 -23.52 7.78
CA ILE B 389 -26.70 -22.22 8.38
C ILE B 389 -26.03 -21.24 7.41
N LEU B 390 -26.17 -19.96 7.70
CA LEU B 390 -25.63 -18.89 6.85
C LEU B 390 -24.39 -18.27 7.50
N ALA B 391 -23.40 -17.93 6.68
CA ALA B 391 -22.19 -17.29 7.18
C ALA B 391 -21.54 -16.45 6.09
N PRO B 392 -20.68 -15.49 6.49
CA PRO B 392 -20.12 -14.54 5.53
C PRO B 392 -19.23 -15.25 4.51
N GLY B 393 -19.49 -15.01 3.23
CA GLY B 393 -18.75 -15.67 2.18
C GLY B 393 -18.49 -14.81 0.96
N VAL B 394 -19.08 -13.63 0.91
CA VAL B 394 -18.85 -12.74 -0.23
C VAL B 394 -17.71 -11.75 0.00
N LEU B 395 -16.72 -11.77 -0.89
CA LEU B 395 -15.55 -10.89 -0.82
C LEU B 395 -14.95 -10.83 0.58
N ILE B 396 -14.41 -11.95 1.03
CA ILE B 396 -13.80 -12.05 2.33
C ILE B 396 -12.29 -11.89 2.19
N LEU B 397 -11.68 -11.17 3.13
CA LEU B 397 -10.24 -10.95 3.07
C LEU B 397 -9.50 -11.99 3.90
N ALA B 398 -8.53 -12.66 3.26
CA ALA B 398 -7.74 -13.66 3.95
C ALA B 398 -6.38 -13.77 3.30
N ALA B 399 -5.47 -14.46 3.96
CA ALA B 399 -4.11 -14.64 3.46
C ALA B 399 -4.09 -15.32 2.09
N TYR B 400 -2.98 -15.14 1.38
CA TYR B 400 -2.85 -15.65 0.04
C TYR B 400 -1.36 -15.83 -0.28
N PRO B 401 -1.03 -16.82 -1.11
CA PRO B 401 0.38 -17.01 -1.48
C PRO B 401 0.90 -15.80 -2.25
N PRO B 402 2.07 -15.29 -1.87
CA PRO B 402 2.63 -14.05 -2.42
C PRO B 402 3.11 -14.20 -3.85
N ASN B 403 3.20 -15.44 -4.33
CA ASN B 403 3.77 -15.69 -5.64
C ASN B 403 2.80 -16.25 -6.64
N VAL B 404 1.52 -15.91 -6.51
CA VAL B 404 0.54 -16.33 -7.50
C VAL B 404 -0.33 -15.16 -7.94
N PHE B 405 -0.83 -15.23 -9.17
CA PHE B 405 -1.75 -14.24 -9.70
C PHE B 405 -2.88 -13.91 -8.72
N ALA B 406 -3.04 -12.62 -8.40
CA ALA B 406 -4.11 -12.20 -7.49
C ALA B 406 -5.20 -11.42 -8.25
N THR B 407 -4.81 -10.30 -8.85
CA THR B 407 -5.75 -9.51 -9.63
C THR B 407 -5.04 -8.84 -10.80
N SER B 408 -5.74 -7.95 -11.50
CA SER B 408 -5.22 -7.42 -12.77
C SER B 408 -5.45 -5.92 -12.95
N ILE B 409 -4.50 -5.27 -13.63
CA ILE B 409 -4.65 -3.87 -14.04
C ILE B 409 -4.34 -3.75 -15.52
N GLY B 410 -5.15 -3.01 -16.25
CA GLY B 410 -5.01 -2.92 -17.70
C GLY B 410 -5.14 -4.32 -18.26
N THR B 411 -4.72 -4.51 -19.51
CA THR B 411 -4.79 -5.85 -20.10
C THR B 411 -3.52 -6.63 -19.88
N ASN B 412 -2.45 -5.95 -19.47
CA ASN B 412 -1.14 -6.60 -19.45
C ASN B 412 -0.47 -6.73 -18.09
N ILE B 413 -1.05 -6.17 -17.04
CA ILE B 413 -0.40 -6.17 -15.74
C ILE B 413 -1.12 -7.05 -14.72
N LEU B 414 -0.42 -8.06 -14.24
CA LEU B 414 -0.94 -8.92 -13.20
C LEU B 414 -0.31 -8.50 -11.88
N LEU B 415 -1.06 -8.61 -10.80
CA LEU B 415 -0.57 -8.22 -9.49
C LEU B 415 -0.64 -9.42 -8.57
N SER B 416 0.19 -9.41 -7.53
CA SER B 416 0.14 -10.44 -6.52
C SER B 416 -0.02 -9.75 -5.18
N THR B 417 -0.27 -10.52 -4.12
CA THR B 417 -0.62 -9.92 -2.84
C THR B 417 -0.49 -10.93 -1.68
N ASP B 418 -0.47 -10.42 -0.45
CA ASP B 418 -0.42 -11.29 0.72
C ASP B 418 -1.81 -11.56 1.25
N TYR B 419 -2.73 -10.64 0.98
CA TYR B 419 -4.11 -10.78 1.40
C TYR B 419 -5.06 -10.39 0.28
N ILE B 420 -6.02 -11.26 -0.01
CA ILE B 420 -6.88 -11.04 -1.15
C ILE B 420 -8.35 -11.18 -0.77
N LEU B 421 -9.21 -10.51 -1.53
CA LEU B 421 -10.65 -10.66 -1.35
C LEU B 421 -11.13 -11.82 -2.22
N GLU B 422 -11.97 -12.68 -1.64
CA GLU B 422 -12.43 -13.88 -2.34
C GLU B 422 -13.87 -14.26 -1.92
N SER B 423 -14.69 -14.68 -2.87
CA SER B 423 -16.08 -15.01 -2.58
C SER B 423 -16.40 -16.50 -2.78
N GLY B 424 -17.46 -16.96 -2.11
CA GLY B 424 -17.97 -18.31 -2.29
C GLY B 424 -18.34 -18.97 -0.99
N THR B 425 -19.09 -20.06 -1.07
CA THR B 425 -19.39 -20.85 0.11
C THR B 425 -18.09 -21.37 0.71
N SER B 426 -17.02 -21.36 -0.11
CA SER B 426 -15.69 -21.74 0.34
C SER B 426 -15.26 -20.88 1.52
N MET B 427 -15.62 -19.60 1.47
CA MET B 427 -15.24 -18.66 2.51
C MET B 427 -16.13 -18.80 3.73
N ALA B 428 -17.41 -19.11 3.49
CA ALA B 428 -18.37 -19.22 4.58
C ALA B 428 -18.07 -20.39 5.52
N ALA B 429 -17.82 -21.57 4.95
CA ALA B 429 -17.65 -22.80 5.73
C ALA B 429 -16.61 -22.67 6.85
N PRO B 430 -15.41 -22.18 6.53
CA PRO B 430 -14.38 -22.01 7.56
C PRO B 430 -14.80 -21.06 8.68
N HIS B 431 -15.73 -20.14 8.40
CA HIS B 431 -16.27 -19.30 9.46
C HIS B 431 -17.03 -20.17 10.46
N ALA B 432 -17.89 -21.05 9.94
CA ALA B 432 -18.68 -21.93 10.79
C ALA B 432 -17.79 -22.89 11.55
N ALA B 433 -16.77 -23.40 10.87
CA ALA B 433 -15.87 -24.38 11.47
C ALA B 433 -15.19 -23.80 12.70
N GLY B 434 -14.75 -22.55 12.60
CA GLY B 434 -14.05 -21.90 13.70
C GLY B 434 -14.98 -21.67 14.87
N ILE B 435 -16.19 -21.22 14.57
CA ILE B 435 -17.20 -21.01 15.59
C ILE B 435 -17.54 -22.32 16.27
N ALA B 436 -17.73 -23.37 15.47
CA ALA B 436 -18.00 -24.69 16.00
C ALA B 436 -16.88 -25.12 16.93
N ALA B 437 -15.64 -24.83 16.53
CA ALA B 437 -14.47 -25.21 17.31
C ALA B 437 -14.46 -24.50 18.66
N MET B 438 -14.81 -23.21 18.66
CA MET B 438 -14.83 -22.45 19.90
C MET B 438 -15.95 -22.94 20.82
N LEU B 439 -17.11 -23.23 20.23
CA LEU B 439 -18.19 -23.84 20.99
C LEU B 439 -17.70 -25.11 21.69
N LYS B 440 -16.95 -25.92 20.96
CA LYS B 440 -16.46 -27.18 21.49
C LYS B 440 -15.43 -26.96 22.60
N ALA B 441 -14.70 -25.85 22.52
CA ALA B 441 -13.73 -25.50 23.55
C ALA B 441 -14.45 -25.01 24.81
N ALA B 442 -15.58 -24.33 24.62
CA ALA B 442 -16.37 -23.83 25.74
C ALA B 442 -17.13 -24.98 26.43
N HIS B 443 -17.56 -25.96 25.65
CA HIS B 443 -18.24 -27.14 26.16
C HIS B 443 -17.58 -28.39 25.60
N PRO B 444 -16.54 -28.89 26.28
CA PRO B 444 -15.71 -30.01 25.81
C PRO B 444 -16.46 -31.33 25.68
N GLU B 445 -17.68 -31.41 26.20
CA GLU B 445 -18.44 -32.66 26.20
C GLU B 445 -19.52 -32.66 25.12
N TRP B 446 -19.79 -31.51 24.54
CA TRP B 446 -20.81 -31.39 23.52
C TRP B 446 -20.48 -32.21 22.27
N SER B 447 -21.46 -32.96 21.79
CA SER B 447 -21.29 -33.75 20.59
C SER B 447 -21.31 -32.85 19.37
N PRO B 448 -20.80 -33.36 18.25
CA PRO B 448 -20.92 -32.68 16.97
C PRO B 448 -22.35 -32.24 16.69
N SER B 449 -23.32 -33.10 17.01
CA SER B 449 -24.72 -32.79 16.73
C SER B 449 -25.26 -31.68 17.62
N ALA B 450 -24.88 -31.71 18.90
CA ALA B 450 -25.31 -30.69 19.83
C ALA B 450 -24.76 -29.32 19.40
N ILE B 451 -23.47 -29.30 19.05
CA ILE B 451 -22.82 -28.08 18.61
C ILE B 451 -23.50 -27.50 17.37
N ARG B 452 -23.85 -28.35 16.40
CA ARG B 452 -24.59 -27.86 15.25
C ARG B 452 -25.94 -27.35 15.71
N SER B 453 -26.47 -27.96 16.76
CA SER B 453 -27.76 -27.57 17.31
C SER B 453 -27.69 -26.17 17.91
N ALA B 454 -26.68 -25.94 18.76
CA ALA B 454 -26.47 -24.63 19.36
C ALA B 454 -26.42 -23.55 18.29
N MET B 455 -25.64 -23.81 17.25
CA MET B 455 -25.45 -22.83 16.18
C MET B 455 -26.74 -22.56 15.42
N MET B 456 -27.60 -23.56 15.33
CA MET B 456 -28.80 -23.44 14.49
C MET B 456 -29.96 -22.79 15.25
N THR B 457 -30.32 -23.36 16.40
CA THR B 457 -31.50 -22.89 17.12
C THR B 457 -31.26 -21.51 17.67
N THR B 458 -30.02 -21.03 17.51
CA THR B 458 -29.62 -19.74 18.04
C THR B 458 -29.37 -18.75 16.90
N ALA B 459 -29.40 -19.24 15.67
CA ALA B 459 -29.14 -18.41 14.50
C ALA B 459 -30.19 -17.33 14.35
N ASP B 460 -29.83 -16.25 13.67
CA ASP B 460 -30.75 -15.14 13.48
C ASP B 460 -31.26 -15.09 12.05
N PRO B 461 -32.59 -15.16 11.88
CA PRO B 461 -33.23 -15.11 10.57
C PRO B 461 -33.51 -13.70 10.10
N LEU B 462 -33.10 -12.71 10.89
CA LEU B 462 -33.31 -11.31 10.54
C LEU B 462 -32.00 -10.60 10.24
N ASP B 463 -32.06 -9.56 9.41
CA ASP B 463 -30.85 -8.82 9.02
C ASP B 463 -30.65 -7.57 9.87
N ARG B 466 -34.13 -4.98 10.96
CA ARG B 466 -34.71 -6.11 11.68
C ARG B 466 -35.76 -6.86 10.87
N LYS B 467 -35.54 -6.97 9.56
CA LYS B 467 -36.44 -7.74 8.70
C LYS B 467 -35.88 -9.14 8.39
N PRO B 468 -36.72 -10.01 7.83
CA PRO B 468 -36.29 -11.34 7.44
C PRO B 468 -35.23 -11.26 6.34
N ILE B 469 -34.12 -11.99 6.53
CA ILE B 469 -33.01 -11.97 5.57
C ILE B 469 -33.47 -12.24 4.14
N LYS B 470 -32.94 -11.50 3.19
CA LYS B 470 -33.38 -11.60 1.80
C LYS B 470 -32.52 -12.51 0.96
N ASP B 471 -33.12 -13.02 -0.12
CA ASP B 471 -32.39 -13.75 -1.13
C ASP B 471 -32.00 -12.78 -2.23
N SER B 472 -30.69 -12.63 -2.43
CA SER B 472 -30.16 -11.63 -3.34
C SER B 472 -30.61 -11.82 -4.78
N ASP B 473 -31.07 -13.02 -5.12
CA ASP B 473 -31.44 -13.32 -6.49
C ASP B 473 -32.82 -12.78 -6.86
N ASN B 474 -33.69 -12.66 -5.86
CA ASN B 474 -35.05 -12.23 -6.09
C ASN B 474 -35.51 -11.11 -5.15
N ASN B 475 -34.76 -10.90 -4.07
CA ASN B 475 -35.06 -9.85 -3.12
C ASN B 475 -36.27 -10.16 -2.23
N LYS B 476 -36.67 -11.42 -2.21
CA LYS B 476 -37.72 -11.87 -1.31
C LYS B 476 -37.08 -12.56 -0.11
N ALA B 477 -37.88 -12.82 0.93
CA ALA B 477 -37.38 -13.45 2.14
C ALA B 477 -36.69 -14.77 1.83
N ALA B 478 -35.51 -14.97 2.40
CA ALA B 478 -34.76 -16.20 2.21
C ALA B 478 -35.46 -17.36 2.90
N THR B 479 -35.38 -18.54 2.28
CA THR B 479 -35.92 -19.76 2.84
C THR B 479 -34.87 -20.50 3.66
N PRO B 480 -35.29 -21.47 4.46
CA PRO B 480 -34.33 -22.36 5.11
C PRO B 480 -33.55 -23.16 4.06
N LEU B 481 -34.12 -23.30 2.87
CA LEU B 481 -33.42 -23.95 1.77
C LEU B 481 -32.41 -23.00 1.14
N ASP B 482 -32.43 -21.76 1.59
CA ASP B 482 -31.49 -20.76 1.13
C ASP B 482 -30.44 -20.51 2.19
N MET B 483 -30.85 -20.54 3.45
CA MET B 483 -29.97 -20.13 4.53
C MET B 483 -30.06 -21.00 5.77
N GLY B 484 -30.75 -22.13 5.67
CA GLY B 484 -30.96 -22.98 6.84
C GLY B 484 -31.66 -22.19 7.92
N ALA B 485 -31.16 -22.31 9.16
CA ALA B 485 -31.75 -21.61 10.29
C ALA B 485 -31.53 -20.09 10.24
N GLY B 486 -30.50 -19.66 9.53
CA GLY B 486 -30.17 -18.25 9.43
C GLY B 486 -28.70 -17.93 9.65
N HIS B 487 -28.42 -16.68 10.01
CA HIS B 487 -27.05 -16.22 10.16
C HIS B 487 -26.47 -16.60 11.50
N VAL B 488 -25.29 -17.20 11.49
CA VAL B 488 -24.63 -17.61 12.73
C VAL B 488 -24.58 -16.45 13.71
N ASP B 489 -24.86 -16.75 14.96
CA ASP B 489 -24.78 -15.78 16.05
C ASP B 489 -23.97 -16.41 17.17
N PRO B 490 -22.64 -16.42 17.01
CA PRO B 490 -21.72 -17.14 17.90
C PRO B 490 -22.04 -16.96 19.38
N ASN B 491 -22.11 -15.71 19.84
CA ASN B 491 -22.29 -15.43 21.27
C ASN B 491 -23.52 -16.11 21.88
N ARG B 492 -24.65 -16.02 21.19
CA ARG B 492 -25.86 -16.70 21.66
C ARG B 492 -25.64 -18.21 21.65
N ALA B 493 -25.03 -18.71 20.59
CA ALA B 493 -24.83 -20.14 20.42
C ALA B 493 -24.07 -20.72 21.61
N LEU B 494 -23.41 -19.84 22.37
CA LEU B 494 -22.67 -20.26 23.55
C LEU B 494 -23.62 -20.74 24.65
N ASP B 495 -24.84 -20.20 24.63
CA ASP B 495 -25.79 -20.49 25.69
C ASP B 495 -27.20 -20.69 25.13
N PRO B 496 -27.43 -21.84 24.47
CA PRO B 496 -28.63 -22.12 23.69
C PRO B 496 -29.82 -22.56 24.52
N GLY B 497 -29.58 -22.99 25.76
CA GLY B 497 -30.64 -23.43 26.64
C GLY B 497 -31.06 -24.88 26.40
N LEU B 498 -31.51 -25.16 25.18
CA LEU B 498 -31.84 -26.51 24.78
C LEU B 498 -31.05 -26.91 23.55
N VAL B 499 -30.62 -28.17 23.48
CA VAL B 499 -29.99 -28.69 22.29
C VAL B 499 -30.70 -29.95 21.81
N TYR B 500 -30.78 -30.10 20.49
CA TYR B 500 -31.26 -31.33 19.91
C TYR B 500 -30.06 -32.24 19.70
N ASP B 501 -29.87 -33.17 20.62
CA ASP B 501 -28.69 -34.02 20.59
C ASP B 501 -28.91 -35.28 19.75
N ALA B 502 -27.83 -36.03 19.52
CA ALA B 502 -27.88 -37.25 18.73
C ALA B 502 -26.58 -38.00 18.93
N THR B 503 -26.61 -39.30 18.66
CA THR B 503 -25.46 -40.15 18.89
C THR B 503 -25.03 -40.86 17.62
N PRO B 504 -23.80 -41.40 17.62
CA PRO B 504 -23.32 -42.16 16.47
C PRO B 504 -24.34 -43.23 16.07
N GLN B 505 -24.81 -43.99 17.06
CA GLN B 505 -25.80 -45.02 16.81
C GLN B 505 -27.01 -44.47 16.06
N ASP B 506 -27.37 -43.22 16.36
CA ASP B 506 -28.52 -42.59 15.71
C ASP B 506 -28.32 -42.45 14.21
N TYR B 507 -27.07 -42.20 13.80
CA TYR B 507 -26.77 -42.03 12.39
C TYR B 507 -26.75 -43.37 11.69
N VAL B 508 -26.17 -44.38 12.35
CA VAL B 508 -26.23 -45.74 11.84
C VAL B 508 -27.68 -46.13 11.57
N ASN B 509 -28.54 -45.91 12.55
CA ASN B 509 -29.97 -46.21 12.38
C ASN B 509 -30.56 -45.46 11.19
N LEU B 510 -30.11 -44.23 10.98
CA LEU B 510 -30.58 -43.44 9.86
C LEU B 510 -30.06 -44.02 8.55
N LEU B 511 -28.74 -44.24 8.51
CA LEU B 511 -28.11 -44.82 7.33
C LEU B 511 -28.84 -46.10 6.96
N CYS B 512 -29.19 -46.84 8.00
CA CYS B 512 -29.82 -48.13 7.87
C CYS B 512 -31.18 -48.07 7.19
N SER B 513 -31.92 -47.00 7.46
CA SER B 513 -33.27 -46.87 6.93
C SER B 513 -33.25 -46.49 5.46
N LEU B 514 -32.06 -46.21 4.93
CA LEU B 514 -31.93 -45.81 3.54
C LEU B 514 -32.12 -47.00 2.61
N ASN B 515 -31.99 -48.20 3.15
CA ASN B 515 -32.18 -49.42 2.38
C ASN B 515 -31.25 -49.51 1.18
N PHE B 516 -29.96 -49.38 1.43
CA PHE B 516 -28.96 -49.63 0.40
C PHE B 516 -28.67 -51.13 0.43
N THR B 517 -28.05 -51.64 -0.63
CA THR B 517 -27.50 -52.99 -0.56
C THR B 517 -26.47 -52.96 0.55
N GLU B 518 -26.15 -54.12 1.11
CA GLU B 518 -25.21 -54.15 2.24
C GLU B 518 -23.79 -53.82 1.81
N GLU B 519 -23.55 -53.84 0.50
CA GLU B 519 -22.24 -53.46 -0.02
C GLU B 519 -22.12 -51.94 -0.04
N GLN B 520 -23.16 -51.30 -0.55
CA GLN B 520 -23.28 -49.85 -0.50
C GLN B 520 -23.22 -49.39 0.95
N PHE B 521 -23.97 -50.05 1.81
CA PHE B 521 -23.97 -49.70 3.23
C PHE B 521 -22.55 -49.72 3.78
N LYS B 522 -21.80 -50.77 3.44
CA LYS B 522 -20.42 -50.92 3.93
C LYS B 522 -19.51 -49.84 3.37
N THR B 523 -19.75 -49.44 2.13
CA THR B 523 -18.96 -48.39 1.50
C THR B 523 -18.98 -47.14 2.35
N ILE B 524 -20.17 -46.74 2.79
CA ILE B 524 -20.34 -45.53 3.56
C ILE B 524 -19.92 -45.72 5.01
N ALA B 525 -20.18 -46.90 5.56
CA ALA B 525 -20.12 -47.08 7.02
C ALA B 525 -18.76 -47.21 7.73
N ARG B 526 -17.63 -47.43 7.06
CA ARG B 526 -17.32 -48.64 6.37
C ARG B 526 -17.04 -49.58 7.57
N SER B 527 -16.21 -49.12 8.50
CA SER B 527 -15.83 -49.96 9.65
C SER B 527 -16.17 -49.34 11.00
N SER B 528 -17.14 -48.44 11.02
CA SER B 528 -17.59 -47.82 12.26
C SER B 528 -18.86 -48.48 12.76
N ALA B 529 -19.46 -49.30 11.90
CA ALA B 529 -20.69 -50.00 12.22
C ALA B 529 -20.86 -51.23 11.32
N SER B 530 -21.68 -52.17 11.77
CA SER B 530 -21.92 -53.39 11.00
C SER B 530 -23.37 -53.50 10.56
N HIS B 531 -23.59 -54.26 9.49
CA HIS B 531 -24.93 -54.43 8.92
C HIS B 531 -25.76 -55.37 9.78
N CYS B 533 -27.63 -53.56 13.00
CA CYS B 533 -28.42 -52.54 12.33
C CYS B 533 -29.88 -52.99 12.26
N SER B 534 -30.42 -53.34 13.42
CA SER B 534 -31.75 -53.94 13.52
C SER B 534 -32.82 -52.93 13.93
N ASN B 535 -32.42 -51.67 14.08
CA ASN B 535 -33.35 -50.64 14.50
C ASN B 535 -33.37 -49.44 13.56
N PRO B 536 -33.73 -49.69 12.29
CA PRO B 536 -33.82 -48.62 11.29
C PRO B 536 -34.75 -47.50 11.77
N SER B 537 -34.35 -46.27 11.50
CA SER B 537 -35.09 -45.10 11.96
C SER B 537 -34.65 -43.85 11.20
N ALA B 538 -35.56 -43.28 10.43
CA ALA B 538 -35.24 -42.11 9.61
C ALA B 538 -35.49 -40.80 10.33
N ASP B 539 -36.27 -40.83 11.41
CA ASP B 539 -36.60 -39.62 12.13
C ASP B 539 -35.43 -39.17 13.00
N LEU B 540 -34.33 -38.79 12.36
CA LEU B 540 -33.14 -38.34 13.06
C LEU B 540 -33.42 -37.05 13.81
N ASN B 541 -33.04 -37.01 15.08
CA ASN B 541 -33.30 -35.84 15.94
C ASN B 541 -32.60 -34.57 15.45
N TYR B 542 -33.26 -33.82 14.57
CA TYR B 542 -32.63 -32.69 13.91
C TYR B 542 -33.27 -31.36 14.29
N PRO B 543 -32.44 -30.31 14.43
CA PRO B 543 -32.92 -28.98 14.80
C PRO B 543 -33.66 -28.25 13.69
N SER B 544 -34.19 -28.96 12.70
CA SER B 544 -35.00 -28.32 11.66
C SER B 544 -36.00 -29.31 11.08
N PHE B 545 -36.96 -28.80 10.31
CA PHE B 545 -38.05 -29.63 9.79
C PHE B 545 -38.32 -29.39 8.31
N ILE B 546 -38.48 -30.48 7.56
CA ILE B 546 -38.88 -30.39 6.16
C ILE B 546 -40.06 -31.31 5.84
N ALA B 547 -41.05 -30.79 5.12
CA ALA B 547 -42.24 -31.56 4.78
C ALA B 547 -42.38 -31.65 3.27
N LEU B 548 -42.24 -32.86 2.74
CA LEU B 548 -42.12 -33.06 1.30
C LEU B 548 -43.42 -33.51 0.64
N TYR B 549 -43.60 -33.14 -0.62
CA TYR B 549 -44.81 -33.49 -1.34
C TYR B 549 -44.55 -33.81 -2.83
N SER B 550 -44.98 -34.98 -3.26
CA SER B 550 -44.84 -35.39 -4.65
C SER B 550 -45.51 -34.39 -5.58
N ILE B 551 -44.99 -34.28 -6.79
CA ILE B 551 -45.59 -33.42 -7.81
C ILE B 551 -46.00 -34.25 -9.03
N GLU B 552 -46.11 -35.56 -8.85
CA GLU B 552 -46.48 -36.45 -9.93
C GLU B 552 -47.99 -36.71 -9.95
N GLY B 553 -48.75 -35.70 -10.34
CA GLY B 553 -50.20 -35.84 -10.44
C GLY B 553 -50.98 -34.86 -9.57
N ASN B 554 -52.09 -35.34 -9.02
CA ASN B 554 -52.99 -34.50 -8.23
C ASN B 554 -52.43 -34.18 -6.86
N PHE B 555 -52.69 -32.96 -6.39
CA PHE B 555 -52.23 -32.54 -5.08
C PHE B 555 -53.34 -32.68 -4.04
N THR B 556 -53.04 -33.39 -2.96
CA THR B 556 -54.05 -33.72 -1.97
C THR B 556 -53.51 -33.42 -0.58
N LEU B 557 -54.37 -32.92 0.29
CA LEU B 557 -53.97 -32.64 1.67
C LEU B 557 -53.06 -33.76 2.19
N LEU B 558 -51.86 -33.39 2.63
CA LEU B 558 -50.93 -34.35 3.20
C LEU B 558 -50.66 -34.02 4.67
N GLU B 559 -50.18 -35.00 5.41
CA GLU B 559 -49.85 -34.79 6.81
C GLU B 559 -48.53 -35.46 7.16
N GLN B 560 -47.80 -34.87 8.09
CA GLN B 560 -46.52 -35.40 8.52
C GLN B 560 -46.33 -35.20 10.02
N LYS B 561 -45.68 -36.15 10.67
CA LYS B 561 -45.43 -36.07 12.09
C LYS B 561 -43.95 -36.24 12.39
N PHE B 562 -43.39 -35.33 13.17
CA PHE B 562 -41.98 -35.38 13.50
C PHE B 562 -41.79 -35.54 15.00
N LYS B 563 -40.90 -36.44 15.38
CA LYS B 563 -40.60 -36.67 16.78
C LYS B 563 -39.24 -36.08 17.10
N ARG B 564 -39.18 -35.25 18.14
CA ARG B 564 -37.93 -34.62 18.55
C ARG B 564 -37.70 -34.79 20.04
N THR B 565 -36.44 -34.95 20.42
CA THR B 565 -36.05 -34.95 21.81
C THR B 565 -35.11 -33.77 22.05
N VAL B 566 -35.36 -33.04 23.13
CA VAL B 566 -34.55 -31.87 23.41
C VAL B 566 -34.02 -31.94 24.83
N THR B 567 -32.70 -31.89 24.97
CA THR B 567 -32.07 -31.94 26.28
C THR B 567 -31.72 -30.54 26.80
N ASN B 568 -31.89 -30.34 28.11
CA ASN B 568 -31.69 -29.03 28.72
C ASN B 568 -30.24 -28.79 29.11
N VAL B 569 -29.60 -27.83 28.46
CA VAL B 569 -28.21 -27.50 28.74
C VAL B 569 -28.09 -26.22 29.58
N GLY B 570 -29.22 -25.66 29.99
CA GLY B 570 -29.23 -24.49 30.85
C GLY B 570 -28.71 -24.79 32.24
N ALA B 573 -33.14 -26.02 35.93
CA ALA B 573 -34.60 -26.08 35.97
C ALA B 573 -35.21 -24.93 35.20
N ALA B 574 -36.15 -25.25 34.33
CA ALA B 574 -36.77 -24.25 33.47
C ALA B 574 -37.92 -24.87 32.70
N THR B 575 -38.80 -24.01 32.19
CA THR B 575 -39.93 -24.48 31.41
C THR B 575 -40.04 -23.65 30.15
N TYR B 576 -40.44 -24.30 29.05
CA TYR B 576 -40.55 -23.63 27.76
C TYR B 576 -41.95 -23.79 27.18
N LYS B 577 -42.45 -22.73 26.57
CA LYS B 577 -43.69 -22.79 25.82
C LYS B 577 -43.39 -22.68 24.33
N ALA B 578 -44.02 -23.54 23.54
CA ALA B 578 -43.80 -23.54 22.12
C ALA B 578 -44.61 -22.45 21.44
N LYS B 579 -43.94 -21.61 20.65
CA LYS B 579 -44.63 -20.67 19.79
C LYS B 579 -44.56 -21.20 18.35
N LEU B 580 -45.69 -21.15 17.66
CA LEU B 580 -45.76 -21.70 16.31
C LEU B 580 -46.03 -20.64 15.26
N LYS B 581 -45.35 -20.78 14.13
CA LYS B 581 -45.70 -20.02 12.92
C LYS B 581 -45.76 -21.02 11.77
N ALA B 582 -46.97 -21.32 11.33
CA ALA B 582 -47.18 -22.34 10.31
C ALA B 582 -46.89 -21.80 8.92
N PRO B 583 -46.15 -22.57 8.12
CA PRO B 583 -45.92 -22.19 6.74
C PRO B 583 -47.22 -21.81 6.06
N LYS B 584 -47.15 -20.92 5.08
CA LYS B 584 -48.32 -20.55 4.28
C LYS B 584 -49.05 -21.79 3.79
N ASN B 585 -50.36 -21.65 3.54
CA ASN B 585 -51.20 -22.75 3.10
C ASN B 585 -50.91 -24.07 3.82
N SER B 586 -50.84 -24.03 5.14
CA SER B 586 -50.66 -25.23 5.94
C SER B 586 -50.93 -24.98 7.42
N THR B 587 -51.10 -26.06 8.17
CA THR B 587 -51.30 -25.94 9.61
C THR B 587 -50.29 -26.80 10.34
N ILE B 588 -49.92 -26.37 11.53
CA ILE B 588 -49.00 -27.15 12.35
C ILE B 588 -49.50 -27.17 13.78
N SER B 589 -49.11 -28.19 14.52
CA SER B 589 -49.47 -28.32 15.91
C SER B 589 -48.40 -29.10 16.61
N VAL B 590 -48.14 -28.77 17.87
CA VAL B 590 -47.16 -29.51 18.65
C VAL B 590 -47.80 -30.12 19.88
N SER B 591 -47.08 -31.03 20.52
CA SER B 591 -47.57 -31.68 21.72
C SER B 591 -46.45 -32.45 22.38
N PRO B 592 -46.23 -32.21 23.68
CA PRO B 592 -46.96 -31.22 24.47
C PRO B 592 -46.65 -29.81 23.99
N GLN B 593 -47.46 -28.84 24.41
CA GLN B 593 -47.24 -27.44 24.06
C GLN B 593 -46.33 -26.76 25.07
N ILE B 594 -45.89 -27.54 26.06
CA ILE B 594 -45.07 -26.99 27.13
C ILE B 594 -44.08 -28.05 27.59
N LEU B 595 -42.86 -27.62 27.90
CA LEU B 595 -41.83 -28.55 28.36
C LEU B 595 -41.27 -28.10 29.69
N VAL B 596 -41.46 -28.92 30.70
CA VAL B 596 -40.97 -28.59 32.03
C VAL B 596 -39.68 -29.35 32.30
N PHE B 597 -38.71 -28.67 32.90
CA PHE B 597 -37.41 -29.27 33.17
C PHE B 597 -37.03 -29.10 34.64
N LYS B 598 -36.79 -30.23 35.30
CA LYS B 598 -36.41 -30.22 36.71
C LYS B 598 -34.97 -29.74 36.92
N ASN B 599 -34.07 -30.18 36.05
CA ASN B 599 -32.66 -29.79 36.20
C ASN B 599 -31.77 -30.15 35.01
N LYS B 600 -30.57 -29.61 35.01
CA LYS B 600 -29.65 -29.78 33.91
C LYS B 600 -29.68 -31.20 33.33
N ASN B 601 -29.54 -31.29 32.02
CA ASN B 601 -29.34 -32.56 31.33
C ASN B 601 -30.60 -33.41 31.17
N GLU B 602 -31.65 -33.06 31.88
CA GLU B 602 -32.92 -33.75 31.71
C GLU B 602 -33.33 -33.68 30.25
N LYS B 603 -33.93 -34.76 29.74
CA LYS B 603 -34.41 -34.78 28.36
C LYS B 603 -35.93 -34.79 28.30
N GLN B 604 -36.47 -34.16 27.27
CA GLN B 604 -37.91 -34.09 27.10
C GLN B 604 -38.20 -34.21 25.61
N SER B 605 -39.23 -34.95 25.26
CA SER B 605 -39.59 -35.16 23.86
C SER B 605 -40.89 -34.49 23.51
N TYR B 606 -41.12 -34.31 22.22
CA TYR B 606 -42.37 -33.75 21.75
C TYR B 606 -42.60 -34.14 20.30
N THR B 607 -43.77 -33.83 19.77
CA THR B 607 -44.07 -34.17 18.40
C THR B 607 -44.69 -33.00 17.66
N LEU B 608 -44.10 -32.67 16.51
CA LEU B 608 -44.64 -31.63 15.65
C LEU B 608 -45.42 -32.29 14.52
N THR B 609 -46.54 -31.70 14.15
CA THR B 609 -47.34 -32.24 13.07
C THR B 609 -47.79 -31.15 12.09
N ILE B 610 -47.51 -31.38 10.81
CA ILE B 610 -47.89 -30.43 9.78
C ILE B 610 -48.93 -31.04 8.86
N ARG B 611 -49.91 -30.23 8.49
CA ARG B 611 -50.87 -30.65 7.50
C ARG B 611 -50.75 -29.64 6.38
N TYR B 612 -50.39 -30.12 5.19
CA TYR B 612 -50.06 -29.23 4.10
C TYR B 612 -50.48 -29.82 2.76
N ILE B 613 -50.41 -29.00 1.72
CA ILE B 613 -50.72 -29.43 0.38
C ILE B 613 -49.79 -28.73 -0.60
N GLY B 614 -49.30 -29.47 -1.59
CA GLY B 614 -48.30 -28.92 -2.52
C GLY B 614 -48.92 -28.27 -3.74
N ASP B 615 -48.07 -27.84 -4.65
CA ASP B 615 -48.50 -27.24 -5.91
C ASP B 615 -47.42 -27.39 -6.98
N SER B 619 -42.78 -24.89 -5.07
CA SER B 619 -43.25 -23.91 -4.10
C SER B 619 -42.92 -24.33 -2.68
N ARG B 620 -42.06 -23.56 -2.01
CA ARG B 620 -41.53 -23.94 -0.71
C ARG B 620 -41.84 -22.92 0.38
N ASN B 621 -42.81 -23.24 1.22
CA ASN B 621 -43.25 -22.32 2.25
C ASN B 621 -42.52 -22.53 3.56
N VAL B 622 -42.40 -21.48 4.35
CA VAL B 622 -41.64 -21.57 5.58
C VAL B 622 -42.41 -21.11 6.81
N GLY B 623 -42.05 -21.68 7.94
CA GLY B 623 -42.61 -21.34 9.23
C GLY B 623 -41.57 -21.78 10.23
N SER B 624 -41.95 -21.89 11.49
CA SER B 624 -40.99 -22.29 12.50
C SER B 624 -41.65 -22.71 13.80
N ILE B 625 -40.83 -23.16 14.74
CA ILE B 625 -41.27 -23.46 16.08
C ILE B 625 -40.19 -23.03 17.05
N THR B 626 -40.56 -22.15 17.98
CA THR B 626 -39.61 -21.63 18.94
C THR B 626 -40.02 -22.05 20.34
N TRP B 627 -39.09 -22.65 21.08
CA TRP B 627 -39.32 -22.89 22.49
C TRP B 627 -38.76 -21.74 23.34
N VAL B 628 -39.65 -20.85 23.74
CA VAL B 628 -39.27 -19.69 24.54
C VAL B 628 -39.41 -19.95 26.04
N GLU B 629 -38.33 -19.68 26.76
CA GLU B 629 -38.31 -19.88 28.22
C GLU B 629 -39.21 -18.85 28.92
N GLN B 630 -40.03 -19.33 29.85
CA GLN B 630 -40.98 -18.48 30.56
C GLN B 630 -40.31 -17.64 31.66
N ASN B 631 -39.45 -18.27 32.45
CA ASN B 631 -38.73 -17.57 33.51
C ASN B 631 -37.27 -17.32 33.15
N GLY B 632 -37.04 -16.87 31.91
CA GLY B 632 -35.70 -16.64 31.41
C GLY B 632 -35.73 -16.07 30.02
N ASN B 633 -34.56 -15.92 29.41
CA ASN B 633 -34.47 -15.28 28.11
C ASN B 633 -33.96 -16.21 27.00
N HIS B 634 -34.12 -17.51 27.20
CA HIS B 634 -33.72 -18.49 26.19
C HIS B 634 -34.79 -18.65 25.12
N SER B 635 -34.35 -18.82 23.87
CA SER B 635 -35.26 -18.99 22.76
C SER B 635 -34.67 -20.00 21.78
N VAL B 636 -35.21 -21.21 21.79
CA VAL B 636 -34.72 -22.30 20.95
C VAL B 636 -35.55 -22.39 19.68
N ARG B 637 -35.00 -21.92 18.56
CA ARG B 637 -35.77 -21.82 17.33
C ARG B 637 -35.40 -22.90 16.29
N SER B 638 -36.43 -23.45 15.64
CA SER B 638 -36.25 -24.42 14.58
C SER B 638 -37.13 -24.07 13.40
N PRO B 639 -36.55 -23.93 12.21
CA PRO B 639 -37.31 -23.60 11.01
C PRO B 639 -38.09 -24.79 10.45
N ILE B 640 -39.12 -24.51 9.68
CA ILE B 640 -39.94 -25.53 9.04
C ILE B 640 -40.13 -25.13 7.59
N VAL B 641 -39.98 -26.09 6.68
CA VAL B 641 -40.15 -25.78 5.27
C VAL B 641 -40.80 -26.92 4.51
N THR B 642 -41.76 -26.58 3.67
CA THR B 642 -42.36 -27.56 2.78
C THR B 642 -41.61 -27.50 1.46
N SER B 643 -41.57 -28.62 0.75
CA SER B 643 -40.82 -28.71 -0.49
C SER B 643 -41.32 -29.83 -1.39
N PRO B 644 -41.25 -29.62 -2.71
CA PRO B 644 -41.58 -30.67 -3.65
C PRO B 644 -40.56 -31.80 -3.52
N ILE B 645 -40.92 -32.98 -3.98
CA ILE B 645 -39.99 -34.09 -4.04
C ILE B 645 -39.34 -34.11 -5.41
N ILE B 646 -38.05 -33.80 -5.46
CA ILE B 646 -37.34 -33.65 -6.72
C ILE B 646 -36.41 -34.82 -7.00
N GLU B 647 -35.93 -34.92 -8.24
CA GLU B 647 -34.99 -35.95 -8.63
C GLU B 647 -33.82 -36.02 -7.67
N VAL B 648 -33.61 -37.18 -7.07
CA VAL B 648 -32.46 -37.40 -6.20
C VAL B 648 -31.34 -38.06 -7.00
N TRP B 649 -30.13 -37.99 -6.47
CA TRP B 649 -29.01 -38.67 -7.13
C TRP B 649 -28.93 -40.11 -6.66
#